data_9KWA
#
_entry.id   9KWA
#
_cell.length_a   61.272
_cell.length_b   71.589
_cell.length_c   89.196
_cell.angle_alpha   90.000
_cell.angle_beta   92.836
_cell.angle_gamma   90.000
#
_symmetry.space_group_name_H-M   'P 1 21 1'
#
loop_
_entity.id
_entity.type
_entity.pdbx_description
1 polymer 'Proline dipeptidase'
2 non-polymer 'MANGANESE (II) ION'
3 non-polymer 'SODIUM ION'
4 non-polymer DI(HYDROXYETHYL)ETHER
5 water water
#
_entity_poly.entity_id   1
_entity_poly.type   'polypeptide(L)'
_entity_poly.pdbx_seq_one_letter_code
;MASWSHPQFEKGSSHHHHHHSSGSGGGGGENLYFQGTRGNQKIFRKRMERFQEALKEKDIDAAVIRTLSTFIYLTGTKWL
RPSLFVPAEGEPTVFVVKGEAEEFKRRSWIENVVEFQKVEDLMAGVVKLIQSSGARRVGLEFGVERDAYLLFFKMFQRLN
PTVEVVDILDITMGMRMIKDEWEIENIRKAAKIANKGMKVAEEIIKPGLSELEIAAEIYRELMLNGSEDPKVYVSTTPRA
HAEPFRDLKVKENSVVTVVIGTDWNHYYANMARTFVVGEPNERVKKAIEVKEKALEIALEETKVGVPLNSVERKLFQFFK
ENGFEDSYLAGYTHGVGLLIEEPPMPTIVVPTRATKVAENMVLSIIHTPLMIPEGAIKHEDTYLVKKDELEKLT
;
_entity_poly.pdbx_strand_id   A,B
#
loop_
_chem_comp.id
_chem_comp.type
_chem_comp.name
_chem_comp.formula
MN non-polymer 'MANGANESE (II) ION' 'Mn 2'
NA non-polymer 'SODIUM ION' 'Na 1'
PEG non-polymer DI(HYDROXYETHYL)ETHER 'C4 H10 O3'
#
# COMPACT_ATOMS: atom_id res chain seq x y z
N LEU A 32 3.20 8.51 30.68
CA LEU A 32 4.09 9.66 30.47
C LEU A 32 3.28 10.92 30.16
N TYR A 33 3.68 12.02 30.79
CA TYR A 33 3.03 13.32 30.68
C TYR A 33 3.87 14.30 29.87
N PHE A 34 3.23 15.36 29.38
CA PHE A 34 3.90 16.46 28.69
C PHE A 34 4.73 15.96 27.50
N GLN A 35 4.10 15.16 26.66
CA GLN A 35 4.77 14.60 25.51
C GLN A 35 4.66 15.66 24.42
N GLY A 36 5.69 15.78 23.60
CA GLY A 36 5.57 16.63 22.44
C GLY A 36 4.46 16.13 21.51
N THR A 37 4.10 16.95 20.52
CA THR A 37 2.98 16.61 19.65
C THR A 37 3.21 15.27 18.93
N ARG A 38 4.46 14.83 18.81
CA ARG A 38 4.74 13.54 18.19
C ARG A 38 5.47 12.59 19.12
N GLY A 39 5.39 12.82 20.44
CA GLY A 39 6.04 11.92 21.36
C GLY A 39 7.45 12.38 21.69
N ASN A 40 7.89 12.18 22.92
CA ASN A 40 9.25 12.53 23.30
C ASN A 40 10.22 11.48 22.79
N GLN A 41 11.42 11.91 22.40
CA GLN A 41 12.35 10.99 21.77
C GLN A 41 12.75 9.84 22.69
N LYS A 42 12.66 10.05 24.01
CA LYS A 42 12.94 8.96 24.95
C LYS A 42 12.04 7.75 24.76
N ILE A 43 10.79 7.93 24.32
CA ILE A 43 9.90 6.78 24.07
C ILE A 43 10.59 5.79 23.14
N PHE A 44 11.16 6.30 22.05
CA PHE A 44 11.68 5.47 20.97
C PHE A 44 13.07 4.92 21.29
N ARG A 45 13.87 5.68 22.04
N ARG A 45 13.88 5.68 22.02
CA ARG A 45 15.13 5.13 22.55
CA ARG A 45 15.12 5.14 22.56
C ARG A 45 14.86 3.91 23.43
C ARG A 45 14.85 3.90 23.40
N LYS A 46 13.86 3.98 24.29
CA LYS A 46 13.56 2.83 25.16
C LYS A 46 13.06 1.64 24.36
N ARG A 47 12.20 1.88 23.37
CA ARG A 47 11.74 0.77 22.55
C ARG A 47 12.91 0.10 21.84
N MET A 48 13.81 0.91 21.28
CA MET A 48 14.99 0.37 20.58
C MET A 48 15.86 -0.44 21.54
N GLU A 49 16.09 0.06 22.76
CA GLU A 49 16.87 -0.70 23.72
C GLU A 49 16.22 -2.05 24.03
N ARG A 50 14.90 -2.05 24.26
N ARG A 50 14.90 -2.04 24.29
CA ARG A 50 14.21 -3.32 24.50
CA ARG A 50 14.17 -3.29 24.47
C ARG A 50 14.24 -4.22 23.28
C ARG A 50 14.32 -4.20 23.27
N PHE A 51 14.17 -3.64 22.07
CA PHE A 51 14.28 -4.44 20.86
C PHE A 51 15.65 -5.10 20.74
N GLN A 52 16.73 -4.36 21.06
CA GLN A 52 18.08 -4.92 20.97
C GLN A 52 18.28 -6.06 21.98
N GLU A 53 17.71 -5.93 23.18
CA GLU A 53 17.78 -7.03 24.15
C GLU A 53 17.07 -8.27 23.64
N ALA A 54 15.91 -8.08 22.99
CA ALA A 54 15.18 -9.21 22.40
C ALA A 54 16.00 -9.90 21.32
N LEU A 55 16.70 -9.12 20.49
CA LEU A 55 17.62 -9.71 19.52
C LEU A 55 18.70 -10.54 20.20
N LYS A 56 19.28 -10.01 21.28
CA LYS A 56 20.32 -10.74 22.01
C LYS A 56 19.78 -12.06 22.56
N GLU A 57 18.55 -12.06 23.07
CA GLU A 57 18.02 -13.27 23.69
C GLU A 57 17.89 -14.40 22.67
N LYS A 58 17.62 -14.07 21.41
CA LYS A 58 17.47 -15.03 20.33
C LYS A 58 18.73 -15.26 19.51
N ASP A 59 19.88 -14.77 19.96
CA ASP A 59 21.14 -14.97 19.27
C ASP A 59 21.12 -14.34 17.88
N ILE A 60 20.39 -13.26 17.69
CA ILE A 60 20.37 -12.53 16.43
C ILE A 60 21.34 -11.35 16.53
N ASP A 61 22.33 -11.31 15.63
CA ASP A 61 23.37 -10.29 15.68
C ASP A 61 22.92 -8.92 15.22
N ALA A 62 21.94 -8.83 14.32
CA ALA A 62 21.49 -7.55 13.83
C ALA A 62 20.16 -7.75 13.14
N ALA A 63 19.46 -6.65 12.92
CA ALA A 63 18.17 -6.69 12.26
C ALA A 63 18.13 -5.63 11.16
N VAL A 64 17.52 -5.99 10.04
CA VAL A 64 17.20 -5.02 8.99
C VAL A 64 15.70 -4.80 9.04
N ILE A 65 15.30 -3.57 9.34
CA ILE A 65 13.90 -3.21 9.50
C ILE A 65 13.47 -2.46 8.24
N ARG A 66 12.58 -3.06 7.45
CA ARG A 66 12.10 -2.41 6.24
C ARG A 66 10.58 -2.34 6.16
N THR A 67 9.86 -2.75 7.22
CA THR A 67 8.42 -2.49 7.31
C THR A 67 8.18 -1.09 7.87
N LEU A 68 7.23 -0.37 7.26
CA LEU A 68 6.98 0.99 7.70
C LEU A 68 6.58 1.03 9.17
N SER A 69 5.69 0.11 9.60
CA SER A 69 5.12 0.26 10.94
C SER A 69 6.19 0.07 12.01
N THR A 70 7.08 -0.93 11.86
CA THR A 70 8.15 -1.12 12.84
C THR A 70 9.19 0.00 12.73
N PHE A 71 9.46 0.51 11.52
CA PHE A 71 10.31 1.68 11.38
C PHE A 71 9.80 2.86 12.21
N ILE A 72 8.50 3.14 12.14
CA ILE A 72 7.91 4.22 12.95
C ILE A 72 8.02 3.90 14.43
N TYR A 73 7.80 2.63 14.81
CA TYR A 73 7.81 2.23 16.22
C TYR A 73 9.16 2.50 16.85
N LEU A 74 10.23 2.28 16.10
CA LEU A 74 11.57 2.35 16.65
C LEU A 74 12.24 3.69 16.43
N THR A 75 11.94 4.40 15.33
CA THR A 75 12.53 5.71 15.09
C THR A 75 11.66 6.87 15.54
N GLY A 76 10.37 6.63 15.75
CA GLY A 76 9.49 7.72 16.09
C GLY A 76 8.98 8.55 14.91
N THR A 77 9.34 8.23 13.67
CA THR A 77 8.83 9.01 12.56
C THR A 77 8.56 8.11 11.36
N LYS A 78 7.59 8.52 10.57
CA LYS A 78 7.37 7.94 9.26
C LYS A 78 8.45 8.51 8.33
N TRP A 79 9.10 7.64 7.55
CA TRP A 79 10.00 8.07 6.50
C TRP A 79 9.94 7.02 5.40
N LEU A 80 9.99 7.44 4.14
CA LEU A 80 9.93 6.55 2.99
C LEU A 80 11.19 6.73 2.15
N ARG A 81 11.80 5.63 1.71
CA ARG A 81 11.43 4.26 2.06
C ARG A 81 12.01 3.98 3.46
N PRO A 82 11.37 3.11 4.23
CA PRO A 82 11.85 2.82 5.59
C PRO A 82 13.02 1.86 5.52
N SER A 83 14.20 2.33 5.94
CA SER A 83 15.42 1.53 5.85
C SER A 83 16.21 1.74 7.13
N LEU A 84 16.17 0.76 8.02
CA LEU A 84 16.75 0.88 9.35
C LEU A 84 17.57 -0.36 9.68
N PHE A 85 18.83 -0.16 10.07
CA PHE A 85 19.73 -1.24 10.47
C PHE A 85 19.94 -1.14 11.97
N VAL A 86 19.67 -2.24 12.67
CA VAL A 86 19.82 -2.24 14.13
C VAL A 86 20.79 -3.33 14.52
N PRO A 87 22.01 -2.99 14.96
CA PRO A 87 22.89 -4.01 15.52
C PRO A 87 22.35 -4.46 16.87
N ALA A 88 22.68 -5.70 17.25
CA ALA A 88 22.27 -6.17 18.57
C ALA A 88 22.87 -5.30 19.67
N GLU A 89 24.07 -4.76 19.43
CA GLU A 89 24.74 -3.86 20.35
C GLU A 89 25.25 -2.66 19.56
N GLY A 90 24.92 -1.46 20.01
CA GLY A 90 25.46 -0.26 19.41
C GLY A 90 24.37 0.67 18.93
N GLU A 91 24.77 1.65 18.12
CA GLU A 91 23.82 2.64 17.61
C GLU A 91 23.24 2.20 16.26
N PRO A 92 21.95 2.40 16.05
CA PRO A 92 21.33 2.04 14.78
C PRO A 92 21.68 3.04 13.69
N THR A 93 21.38 2.65 12.46
CA THR A 93 21.61 3.51 11.30
C THR A 93 20.37 3.57 10.43
N VAL A 94 20.03 4.77 9.96
CA VAL A 94 18.91 4.95 9.04
C VAL A 94 19.47 5.43 7.71
N PHE A 95 18.95 4.90 6.61
CA PHE A 95 19.36 5.29 5.26
C PHE A 95 18.27 6.11 4.60
N VAL A 96 18.65 7.30 4.12
CA VAL A 96 17.73 8.18 3.41
C VAL A 96 18.39 8.59 2.11
N VAL A 97 17.62 9.27 1.28
CA VAL A 97 18.11 9.81 0.02
C VAL A 97 18.86 11.12 0.28
N LYS A 98 19.89 11.38 -0.51
CA LYS A 98 20.68 12.61 -0.36
C LYS A 98 19.77 13.83 -0.34
N GLY A 99 19.98 14.69 0.67
CA GLY A 99 19.16 15.86 0.91
C GLY A 99 18.13 15.72 2.02
N GLU A 100 17.82 14.50 2.47
CA GLU A 100 16.72 14.26 3.39
C GLU A 100 17.17 14.18 4.84
N ALA A 101 18.48 14.13 5.10
CA ALA A 101 18.93 13.87 6.46
C ALA A 101 18.48 14.97 7.42
N GLU A 102 18.51 16.23 6.98
CA GLU A 102 18.23 17.32 7.91
C GLU A 102 16.83 17.25 8.48
N GLU A 103 15.82 17.00 7.63
CA GLU A 103 14.46 16.91 8.19
C GLU A 103 14.29 15.63 9.00
N PHE A 104 14.89 14.52 8.55
CA PHE A 104 14.74 13.28 9.32
C PHE A 104 15.37 13.42 10.71
N LYS A 105 16.54 14.04 10.81
CA LYS A 105 17.18 14.22 12.12
C LYS A 105 16.42 15.19 13.00
N ARG A 106 15.72 16.16 12.38
CA ARG A 106 14.83 17.00 13.17
C ARG A 106 13.68 16.20 13.77
N ARG A 107 13.32 15.08 13.14
CA ARG A 107 12.15 14.32 13.58
C ARG A 107 12.47 13.13 14.46
N SER A 108 13.74 12.71 14.53
CA SER A 108 14.02 11.42 15.12
C SER A 108 15.25 11.52 16.00
N TRP A 109 15.30 10.63 16.99
CA TRP A 109 16.44 10.56 17.89
C TRP A 109 17.66 9.95 17.22
N ILE A 110 17.48 9.26 16.09
CA ILE A 110 18.56 8.53 15.47
C ILE A 110 19.60 9.52 14.93
N GLU A 111 20.87 9.25 15.22
CA GLU A 111 21.95 10.12 14.79
C GLU A 111 22.71 9.60 13.59
N ASN A 112 22.84 8.29 13.45
CA ASN A 112 23.53 7.73 12.30
C ASN A 112 22.54 7.73 11.14
N VAL A 113 22.69 8.70 10.24
CA VAL A 113 21.86 8.79 9.05
C VAL A 113 22.79 8.81 7.85
N VAL A 114 22.62 7.84 6.95
CA VAL A 114 23.44 7.72 5.75
C VAL A 114 22.58 8.09 4.55
N GLU A 115 23.11 8.99 3.71
CA GLU A 115 22.43 9.43 2.51
C GLU A 115 22.99 8.70 1.31
N PHE A 116 22.12 8.32 0.37
CA PHE A 116 22.55 7.66 -0.85
C PHE A 116 21.91 8.34 -2.05
N GLN A 117 22.52 8.15 -3.21
CA GLN A 117 22.00 8.70 -4.45
C GLN A 117 21.43 7.63 -5.36
N LYS A 118 21.65 6.36 -5.03
CA LYS A 118 21.23 5.22 -5.82
C LYS A 118 20.84 4.11 -4.87
N VAL A 119 19.77 3.37 -5.19
CA VAL A 119 19.31 2.25 -4.36
C VAL A 119 20.40 1.20 -4.23
N GLU A 120 21.31 1.14 -5.19
CA GLU A 120 22.47 0.27 -5.14
C GLU A 120 23.31 0.54 -3.89
N ASP A 121 23.53 1.82 -3.56
CA ASP A 121 24.36 2.18 -2.41
C ASP A 121 23.73 1.73 -1.09
N LEU A 122 22.40 1.62 -1.05
CA LEU A 122 21.71 1.18 0.16
C LEU A 122 22.07 -0.27 0.52
N MET A 123 21.84 -1.22 -0.40
CA MET A 123 22.26 -2.59 -0.12
C MET A 123 23.75 -2.65 0.20
N ALA A 124 24.56 -1.90 -0.56
CA ALA A 124 25.97 -1.88 -0.27
C ALA A 124 26.23 -1.32 1.12
N GLY A 125 25.42 -0.34 1.55
CA GLY A 125 25.57 0.17 2.90
C GLY A 125 25.19 -0.86 3.94
N VAL A 126 24.10 -1.59 3.72
CA VAL A 126 23.72 -2.65 4.64
C VAL A 126 24.76 -3.76 4.67
N VAL A 127 25.31 -4.12 3.51
CA VAL A 127 26.35 -5.14 3.49
C VAL A 127 27.56 -4.71 4.32
N LYS A 128 27.92 -3.42 4.25
CA LYS A 128 29.07 -2.96 5.02
C LYS A 128 28.80 -3.01 6.53
N LEU A 129 27.62 -2.61 6.96
CA LEU A 129 27.32 -2.70 8.38
C LEU A 129 27.24 -4.17 8.82
N ILE A 130 26.83 -5.06 7.91
CA ILE A 130 26.81 -6.48 8.22
C ILE A 130 28.23 -6.98 8.46
N GLN A 131 29.16 -6.57 7.60
CA GLN A 131 30.54 -7.04 7.72
C GLN A 131 31.20 -6.41 8.94
N SER A 132 31.01 -5.10 9.11
CA SER A 132 31.68 -4.40 10.21
C SER A 132 31.22 -4.93 11.56
N SER A 133 29.95 -5.33 11.68
CA SER A 133 29.47 -5.87 12.93
C SER A 133 29.76 -7.37 13.08
N GLY A 134 30.27 -8.03 12.05
CA GLY A 134 30.54 -9.46 12.14
C GLY A 134 29.30 -10.31 12.35
N ALA A 135 28.14 -9.82 11.91
CA ALA A 135 26.89 -10.53 12.15
C ALA A 135 26.90 -11.89 11.47
N ARG A 136 26.36 -12.89 12.17
CA ARG A 136 26.19 -14.23 11.65
C ARG A 136 24.74 -14.60 11.40
N ARG A 137 23.80 -14.08 12.21
CA ARG A 137 22.38 -14.29 12.03
C ARG A 137 21.72 -12.91 12.01
N VAL A 138 20.94 -12.62 10.97
CA VAL A 138 20.40 -11.29 10.80
C VAL A 138 18.89 -11.39 10.66
N GLY A 139 18.18 -10.55 11.39
CA GLY A 139 16.73 -10.58 11.39
C GLY A 139 16.16 -9.76 10.25
N LEU A 140 15.08 -10.26 9.67
CA LEU A 140 14.31 -9.56 8.66
C LEU A 140 12.86 -9.86 8.98
N GLU A 141 11.98 -8.88 8.80
CA GLU A 141 10.56 -9.10 9.05
C GLU A 141 9.90 -9.67 7.81
N PHE A 142 9.40 -10.91 7.91
CA PHE A 142 8.60 -11.49 6.82
C PHE A 142 7.14 -11.08 7.00
N GLY A 143 6.91 -9.79 6.79
CA GLY A 143 5.65 -9.15 7.13
C GLY A 143 4.69 -9.06 5.94
N VAL A 144 3.67 -8.20 6.11
CA VAL A 144 2.63 -8.06 5.09
C VAL A 144 2.35 -6.59 4.82
N GLU A 145 3.41 -5.78 4.78
CA GLU A 145 3.28 -4.37 4.51
C GLU A 145 4.53 -3.90 3.79
N ARG A 146 4.43 -2.77 3.12
CA ARG A 146 5.63 -2.15 2.55
C ARG A 146 6.62 -1.91 3.69
N ASP A 147 7.92 -2.16 3.44
CA ASP A 147 8.53 -2.64 2.19
C ASP A 147 9.01 -4.10 2.33
N ALA A 148 8.17 -4.97 2.92
CA ALA A 148 8.54 -6.38 3.13
C ALA A 148 8.27 -7.17 1.84
N TYR A 149 9.03 -6.83 0.80
CA TYR A 149 8.92 -7.47 -0.51
C TYR A 149 10.06 -8.46 -0.76
N LEU A 150 9.94 -9.23 -1.86
CA LEU A 150 10.85 -10.36 -2.09
C LEU A 150 12.26 -10.01 -2.56
N LEU A 151 12.44 -8.94 -3.35
CA LEU A 151 13.75 -8.78 -4.00
C LEU A 151 14.86 -8.48 -2.99
N PHE A 152 14.60 -7.63 -2.00
CA PHE A 152 15.67 -7.32 -1.04
C PHE A 152 16.13 -8.58 -0.33
N PHE A 153 15.19 -9.45 0.04
CA PHE A 153 15.52 -10.70 0.71
C PHE A 153 16.41 -11.59 -0.14
N LYS A 154 16.12 -11.69 -1.44
CA LYS A 154 16.92 -12.53 -2.33
C LYS A 154 18.33 -11.95 -2.53
N MET A 155 18.42 -10.65 -2.78
CA MET A 155 19.73 -10.02 -2.98
C MET A 155 20.58 -10.12 -1.73
N PHE A 156 19.96 -9.92 -0.56
CA PHE A 156 20.69 -10.00 0.70
C PHE A 156 21.34 -11.36 0.86
N GLN A 157 20.60 -12.43 0.56
CA GLN A 157 21.13 -13.78 0.66
C GLN A 157 22.32 -13.99 -0.27
N ARG A 158 22.22 -13.49 -1.50
CA ARG A 158 23.31 -13.64 -2.45
C ARG A 158 24.55 -12.86 -2.02
N LEU A 159 24.36 -11.63 -1.53
CA LEU A 159 25.46 -10.77 -1.12
C LEU A 159 25.98 -11.04 0.29
N ASN A 160 25.25 -11.79 1.12
CA ASN A 160 25.72 -12.17 2.46
C ASN A 160 25.62 -13.68 2.63
N PRO A 161 26.45 -14.44 1.90
CA PRO A 161 26.30 -15.91 1.89
C PRO A 161 26.56 -16.58 3.24
N THR A 162 27.41 -16.00 4.08
CA THR A 162 27.72 -16.60 5.38
C THR A 162 26.67 -16.26 6.45
N VAL A 163 25.67 -15.46 6.10
CA VAL A 163 24.67 -14.95 7.04
C VAL A 163 23.40 -15.80 6.96
N GLU A 164 22.88 -16.19 8.12
CA GLU A 164 21.58 -16.87 8.21
C GLU A 164 20.49 -15.83 8.43
N VAL A 165 19.51 -15.78 7.53
CA VAL A 165 18.38 -14.85 7.69
C VAL A 165 17.32 -15.52 8.56
N VAL A 166 16.88 -14.81 9.59
CA VAL A 166 15.85 -15.29 10.51
C VAL A 166 14.68 -14.31 10.51
N ASP A 167 13.47 -14.83 10.44
CA ASP A 167 12.26 -14.01 10.55
C ASP A 167 12.13 -13.48 11.98
N ILE A 168 11.93 -12.18 12.12
CA ILE A 168 11.74 -11.57 13.44
C ILE A 168 10.39 -10.88 13.59
N LEU A 169 9.41 -11.22 12.74
CA LEU A 169 8.08 -10.66 12.93
C LEU A 169 7.50 -10.98 14.31
N ASP A 170 7.80 -12.18 14.85
CA ASP A 170 7.29 -12.49 16.20
C ASP A 170 7.84 -11.52 17.24
N ILE A 171 9.09 -11.08 17.07
CA ILE A 171 9.68 -10.14 18.02
C ILE A 171 9.03 -8.77 17.88
N THR A 172 9.06 -8.21 16.67
CA THR A 172 8.59 -6.84 16.46
C THR A 172 7.10 -6.70 16.77
N MET A 173 6.28 -7.64 16.31
CA MET A 173 4.86 -7.59 16.67
C MET A 173 4.66 -7.93 18.14
N GLY A 174 5.52 -8.77 18.71
CA GLY A 174 5.39 -9.08 20.12
C GLY A 174 5.51 -7.86 21.01
N MET A 175 6.42 -6.94 20.67
CA MET A 175 6.58 -5.71 21.44
C MET A 175 5.36 -4.80 21.31
N ARG A 176 4.76 -4.74 20.12
CA ARG A 176 3.70 -3.79 19.80
C ARG A 176 2.31 -4.22 20.31
N MET A 177 2.15 -5.48 20.70
CA MET A 177 0.83 -6.03 21.01
C MET A 177 0.22 -5.46 22.29
N ILE A 178 1.04 -5.05 23.25
CA ILE A 178 0.57 -4.44 24.49
C ILE A 178 0.93 -2.96 24.46
N LYS A 179 -0.07 -2.08 24.44
CA LYS A 179 0.17 -0.65 24.24
C LYS A 179 0.57 0.06 25.54
N ASP A 180 1.46 1.05 25.41
CA ASP A 180 1.75 1.96 26.51
C ASP A 180 0.71 3.07 26.55
N GLU A 181 0.77 3.91 27.59
CA GLU A 181 -0.29 4.91 27.76
C GLU A 181 -0.29 5.97 26.67
N TRP A 182 0.90 6.33 26.15
CA TRP A 182 0.94 7.29 25.05
C TRP A 182 0.35 6.71 23.77
N GLU A 183 0.66 5.44 23.48
CA GLU A 183 0.03 4.78 22.32
C GLU A 183 -1.48 4.78 22.44
N ILE A 184 -1.99 4.46 23.62
CA ILE A 184 -3.44 4.45 23.83
C ILE A 184 -4.01 5.84 23.60
N GLU A 185 -3.31 6.89 24.09
CA GLU A 185 -3.81 8.24 23.88
C GLU A 185 -3.85 8.58 22.40
N ASN A 186 -2.84 8.13 21.63
CA ASN A 186 -2.88 8.30 20.18
C ASN A 186 -4.09 7.60 19.56
N ILE A 187 -4.37 6.37 19.98
CA ILE A 187 -5.50 5.65 19.37
C ILE A 187 -6.81 6.35 19.75
N ARG A 188 -6.90 6.85 20.99
CA ARG A 188 -8.09 7.63 21.38
C ARG A 188 -8.33 8.80 20.43
N LYS A 189 -7.26 9.55 20.12
CA LYS A 189 -7.42 10.69 19.22
C LYS A 189 -7.84 10.26 17.83
N ALA A 190 -7.23 9.17 17.32
CA ALA A 190 -7.59 8.64 16.01
C ALA A 190 -9.04 8.19 15.99
N ALA A 191 -9.54 7.65 17.11
CA ALA A 191 -10.94 7.22 17.19
C ALA A 191 -11.90 8.40 17.08
N LYS A 192 -11.57 9.53 17.73
CA LYS A 192 -12.38 10.73 17.57
C LYS A 192 -12.37 11.20 16.11
N ILE A 193 -11.22 11.09 15.44
CA ILE A 193 -11.18 11.45 14.02
C ILE A 193 -12.03 10.49 13.19
N ALA A 194 -11.97 9.19 13.48
CA ALA A 194 -12.81 8.24 12.76
C ALA A 194 -14.29 8.62 12.89
N ASN A 195 -14.70 9.06 14.08
CA ASN A 195 -16.08 9.46 14.33
C ASN A 195 -16.48 10.66 13.45
N LYS A 196 -15.57 11.63 13.32
CA LYS A 196 -15.81 12.76 12.43
C LYS A 196 -16.00 12.28 11.00
N GLY A 197 -15.18 11.33 10.55
CA GLY A 197 -15.39 10.79 9.22
C GLY A 197 -16.70 10.04 9.08
N MET A 198 -17.06 9.24 10.09
CA MET A 198 -18.33 8.51 10.00
C MET A 198 -19.53 9.43 10.05
N LYS A 199 -19.44 10.55 10.79
CA LYS A 199 -20.52 11.54 10.79
C LYS A 199 -20.73 12.13 9.40
N VAL A 200 -19.63 12.40 8.69
CA VAL A 200 -19.72 12.86 7.30
C VAL A 200 -20.44 11.83 6.44
N ALA A 201 -20.03 10.56 6.54
CA ALA A 201 -20.67 9.47 5.80
C ALA A 201 -22.17 9.44 6.04
N GLU A 202 -22.58 9.43 7.31
CA GLU A 202 -24.01 9.37 7.62
C GLU A 202 -24.78 10.56 7.04
N GLU A 203 -24.17 11.74 6.99
CA GLU A 203 -24.85 12.93 6.48
C GLU A 203 -25.01 12.90 4.97
N ILE A 204 -24.09 12.28 4.23
CA ILE A 204 -24.12 12.39 2.77
C ILE A 204 -24.70 11.17 2.05
N ILE A 205 -24.74 10.01 2.70
CA ILE A 205 -25.20 8.81 2.01
C ILE A 205 -26.67 8.96 1.66
N LYS A 206 -26.98 8.89 0.38
CA LYS A 206 -28.37 8.92 -0.07
C LYS A 206 -28.41 8.32 -1.47
N PRO A 207 -29.58 7.88 -1.94
CA PRO A 207 -29.64 7.29 -3.28
C PRO A 207 -28.98 8.20 -4.31
N GLY A 208 -28.23 7.58 -5.21
CA GLY A 208 -27.67 8.28 -6.35
C GLY A 208 -26.18 8.61 -6.20
N LEU A 209 -25.67 8.61 -5.00
CA LEU A 209 -24.23 8.82 -4.82
C LEU A 209 -23.45 7.58 -5.19
N SER A 210 -22.26 7.76 -5.77
CA SER A 210 -21.39 6.60 -5.96
C SER A 210 -20.59 6.28 -4.70
N GLU A 211 -20.10 5.04 -4.61
CA GLU A 211 -19.21 4.67 -3.50
C GLU A 211 -18.02 5.62 -3.45
N LEU A 212 -17.49 5.97 -4.62
CA LEU A 212 -16.31 6.82 -4.70
C LEU A 212 -16.60 8.25 -4.23
N GLU A 213 -17.76 8.79 -4.57
CA GLU A 213 -18.12 10.14 -4.11
C GLU A 213 -18.26 10.20 -2.59
N ILE A 214 -18.83 9.15 -2.01
CA ILE A 214 -18.97 9.08 -0.56
C ILE A 214 -17.59 9.00 0.08
N ALA A 215 -16.75 8.10 -0.44
CA ALA A 215 -15.39 7.95 0.10
C ALA A 215 -14.59 9.26 0.01
N ALA A 216 -14.77 10.03 -1.07
CA ALA A 216 -14.00 11.27 -1.27
C ALA A 216 -14.23 12.26 -0.14
N GLU A 217 -15.48 12.42 0.28
CA GLU A 217 -15.77 13.37 1.36
C GLU A 217 -15.27 12.84 2.69
N ILE A 218 -15.39 11.54 2.92
CA ILE A 218 -14.87 10.98 4.17
C ILE A 218 -13.38 11.18 4.24
N TYR A 219 -12.67 10.83 3.16
CA TYR A 219 -11.22 10.99 3.08
C TYR A 219 -10.78 12.41 3.41
N ARG A 220 -11.43 13.38 2.78
CA ARG A 220 -11.06 14.76 3.02
C ARG A 220 -11.20 15.12 4.49
N GLU A 221 -12.34 14.77 5.08
CA GLU A 221 -12.59 15.08 6.48
C GLU A 221 -11.54 14.46 7.38
N LEU A 222 -11.15 13.21 7.11
CA LEU A 222 -10.11 12.57 7.89
C LEU A 222 -8.77 13.31 7.77
N MET A 223 -8.38 13.63 6.54
CA MET A 223 -7.13 14.33 6.32
C MET A 223 -7.14 15.73 6.93
N LEU A 224 -8.27 16.45 6.81
CA LEU A 224 -8.31 17.81 7.37
C LEU A 224 -8.24 17.83 8.90
N ASN A 225 -8.50 16.71 9.55
CA ASN A 225 -8.34 16.59 10.99
C ASN A 225 -7.02 15.93 11.38
N GLY A 226 -6.07 15.78 10.45
CA GLY A 226 -4.72 15.42 10.82
C GLY A 226 -4.31 13.99 10.55
N SER A 227 -5.20 13.13 10.04
CA SER A 227 -4.80 11.77 9.70
C SER A 227 -3.97 11.77 8.43
N GLU A 228 -2.78 11.17 8.49
CA GLU A 228 -1.81 11.22 7.39
C GLU A 228 -1.91 10.01 6.47
N ASP A 229 -2.58 8.94 6.91
CA ASP A 229 -2.68 7.77 6.02
C ASP A 229 -4.01 7.05 6.19
N PRO A 230 -5.15 7.74 6.04
CA PRO A 230 -6.44 7.07 6.26
C PRO A 230 -6.72 6.05 5.17
N LYS A 231 -7.64 5.11 5.50
CA LYS A 231 -8.16 4.14 4.54
C LYS A 231 -9.68 4.09 4.70
N VAL A 232 -10.43 4.24 3.60
CA VAL A 232 -11.90 4.32 3.62
C VAL A 232 -12.45 3.29 2.63
N TYR A 233 -13.35 2.42 3.12
CA TYR A 233 -14.07 1.45 2.30
C TYR A 233 -15.54 1.86 2.27
N VAL A 234 -16.16 1.78 1.10
CA VAL A 234 -17.60 2.06 0.95
C VAL A 234 -18.16 1.05 -0.03
N SER A 235 -19.13 0.24 0.43
CA SER A 235 -19.70 -0.82 -0.42
C SER A 235 -21.21 -0.72 -0.52
N THR A 236 -21.69 -0.91 -1.75
CA THR A 236 -23.11 -1.09 -2.07
C THR A 236 -23.39 -2.49 -2.61
N THR A 237 -22.38 -3.35 -2.64
CA THR A 237 -22.46 -4.77 -3.00
C THR A 237 -21.66 -5.54 -1.96
N PRO A 238 -21.91 -6.86 -1.83
CA PRO A 238 -21.19 -7.60 -0.78
C PRO A 238 -19.70 -7.78 -1.12
N ARG A 239 -18.84 -6.96 -0.52
CA ARG A 239 -17.40 -7.09 -0.70
C ARG A 239 -16.77 -6.94 0.67
N ALA A 240 -15.89 -7.88 1.03
CA ALA A 240 -15.26 -7.83 2.34
C ALA A 240 -14.16 -6.77 2.44
N HIS A 241 -13.48 -6.45 1.34
CA HIS A 241 -12.45 -5.40 1.30
C HIS A 241 -12.88 -4.36 0.26
N ALA A 242 -13.75 -3.43 0.67
CA ALA A 242 -14.55 -2.70 -0.31
C ALA A 242 -13.91 -1.36 -0.67
N GLU A 243 -12.79 -1.40 -1.37
CA GLU A 243 -12.31 -0.13 -1.89
C GLU A 243 -13.32 0.38 -2.93
N PRO A 244 -13.65 1.67 -2.90
CA PRO A 244 -14.83 2.17 -3.63
C PRO A 244 -14.63 2.22 -5.14
N PHE A 245 -15.74 2.00 -5.86
CA PHE A 245 -15.77 2.15 -7.31
C PHE A 245 -16.51 3.41 -7.72
N ARG A 246 -16.08 4.00 -8.85
CA ARG A 246 -16.67 5.23 -9.34
C ARG A 246 -18.10 5.05 -9.86
N ASP A 247 -18.48 3.84 -10.28
CA ASP A 247 -19.73 3.59 -11.01
C ASP A 247 -20.70 2.68 -10.26
N LEU A 248 -20.50 2.47 -8.97
CA LEU A 248 -21.47 1.74 -8.16
C LEU A 248 -22.23 2.77 -7.32
N LYS A 249 -23.56 2.84 -7.51
CA LYS A 249 -24.36 3.90 -6.91
C LYS A 249 -25.27 3.36 -5.80
N VAL A 250 -25.52 4.22 -4.81
CA VAL A 250 -26.46 3.89 -3.73
C VAL A 250 -27.86 3.84 -4.33
N LYS A 251 -28.57 2.75 -4.06
CA LYS A 251 -29.93 2.56 -4.53
C LYS A 251 -30.94 2.81 -3.41
N GLU A 252 -32.18 3.06 -3.80
CA GLU A 252 -33.22 3.08 -2.78
C GLU A 252 -33.37 1.71 -2.14
N ASN A 253 -33.80 1.72 -0.88
CA ASN A 253 -34.12 0.49 -0.14
C ASN A 253 -32.95 -0.50 -0.20
N SER A 254 -31.82 -0.04 0.30
CA SER A 254 -30.57 -0.76 0.19
C SER A 254 -29.77 -0.58 1.48
N VAL A 255 -28.56 -1.11 1.49
CA VAL A 255 -27.64 -0.88 2.58
C VAL A 255 -26.31 -0.39 2.00
N VAL A 256 -25.65 0.48 2.75
CA VAL A 256 -24.33 0.99 2.41
C VAL A 256 -23.42 0.77 3.61
N THR A 257 -22.28 0.13 3.39
CA THR A 257 -21.37 -0.19 4.49
C THR A 257 -20.11 0.67 4.40
N VAL A 258 -19.74 1.33 5.48
CA VAL A 258 -18.57 2.21 5.48
C VAL A 258 -17.58 1.67 6.50
N VAL A 259 -16.31 1.51 6.09
CA VAL A 259 -15.25 1.10 6.99
C VAL A 259 -14.18 2.18 6.99
N ILE A 260 -13.75 2.59 8.17
CA ILE A 260 -12.70 3.60 8.31
C ILE A 260 -11.55 3.02 9.11
N GLY A 261 -10.31 3.17 8.60
CA GLY A 261 -9.15 3.08 9.44
C GLY A 261 -8.40 4.39 9.34
N THR A 262 -8.24 5.12 10.44
CA THR A 262 -7.63 6.45 10.34
C THR A 262 -6.66 6.66 11.50
N ASP A 263 -5.67 7.53 11.30
CA ASP A 263 -4.52 7.59 12.21
C ASP A 263 -4.33 8.94 12.88
N TRP A 264 -3.64 8.90 14.03
CA TRP A 264 -3.09 10.07 14.70
C TRP A 264 -1.72 9.66 15.21
N ASN A 265 -0.69 10.42 14.87
CA ASN A 265 0.71 10.04 15.19
C ASN A 265 1.00 8.61 14.70
N HIS A 266 0.42 8.28 13.55
CA HIS A 266 0.58 7.01 12.85
C HIS A 266 -0.13 5.84 13.52
N TYR A 267 -0.84 6.06 14.65
CA TYR A 267 -1.61 5.00 15.30
C TYR A 267 -3.06 5.03 14.81
N TYR A 268 -3.62 3.85 14.54
CA TYR A 268 -4.93 3.75 13.90
C TYR A 268 -6.05 3.46 14.88
N ALA A 269 -7.24 3.89 14.49
CA ALA A 269 -8.48 3.38 15.02
C ALA A 269 -9.31 2.89 13.84
N ASN A 270 -10.12 1.85 14.09
CA ASN A 270 -10.87 1.12 13.06
C ASN A 270 -12.34 1.20 13.46
N MET A 271 -13.21 1.56 12.52
CA MET A 271 -14.63 1.47 12.84
C MET A 271 -15.42 1.26 11.55
N ALA A 272 -16.61 0.68 11.71
CA ALA A 272 -17.39 0.32 10.53
C ALA A 272 -18.86 0.41 10.89
N ARG A 273 -19.65 0.90 9.95
CA ARG A 273 -21.08 1.03 10.18
C ARG A 273 -21.80 0.59 8.93
N THR A 274 -22.97 0.02 9.13
CA THR A 274 -23.86 -0.34 8.04
C THR A 274 -25.04 0.61 8.07
N PHE A 275 -25.27 1.32 6.98
CA PHE A 275 -26.34 2.30 6.89
C PHE A 275 -27.48 1.69 6.07
N VAL A 276 -28.71 1.84 6.56
CA VAL A 276 -29.87 1.34 5.84
C VAL A 276 -30.47 2.52 5.12
N VAL A 277 -30.60 2.40 3.80
CA VAL A 277 -31.14 3.47 2.98
C VAL A 277 -32.57 3.09 2.62
N GLY A 278 -33.54 3.87 3.08
CA GLY A 278 -34.93 3.51 2.87
C GLY A 278 -35.33 2.30 3.69
N GLU A 279 -36.13 1.45 3.10
CA GLU A 279 -36.69 0.36 3.91
C GLU A 279 -35.94 -0.93 3.64
N PRO A 280 -35.42 -1.59 4.67
CA PRO A 280 -34.68 -2.85 4.46
C PRO A 280 -35.62 -4.04 4.26
N ASN A 281 -35.24 -4.95 3.35
CA ASN A 281 -36.05 -6.12 3.14
C ASN A 281 -35.88 -7.12 4.29
N GLU A 282 -36.59 -8.24 4.23
CA GLU A 282 -36.61 -9.19 5.34
C GLU A 282 -35.24 -9.83 5.56
N ARG A 283 -34.50 -10.11 4.49
CA ARG A 283 -33.21 -10.77 4.66
C ARG A 283 -32.20 -9.83 5.29
N VAL A 284 -32.24 -8.54 4.93
CA VAL A 284 -31.35 -7.56 5.57
C VAL A 284 -31.67 -7.44 7.05
N LYS A 285 -32.95 -7.29 7.40
CA LYS A 285 -33.32 -7.13 8.80
C LYS A 285 -32.91 -8.34 9.63
N LYS A 286 -33.11 -9.53 9.10
CA LYS A 286 -32.73 -10.71 9.86
C LYS A 286 -31.21 -10.79 10.03
N ALA A 287 -30.46 -10.50 8.96
CA ALA A 287 -29.02 -10.53 9.09
C ALA A 287 -28.54 -9.47 10.08
N ILE A 288 -29.17 -8.29 10.07
CA ILE A 288 -28.79 -7.27 11.05
C ILE A 288 -29.12 -7.74 12.47
N GLU A 289 -30.28 -8.37 12.67
CA GLU A 289 -30.57 -8.81 14.03
C GLU A 289 -29.54 -9.85 14.49
N VAL A 290 -29.13 -10.74 13.59
CA VAL A 290 -28.15 -11.74 13.99
C VAL A 290 -26.81 -11.10 14.31
N LYS A 291 -26.36 -10.15 13.47
CA LYS A 291 -25.11 -9.44 13.74
C LYS A 291 -25.15 -8.69 15.07
N GLU A 292 -26.30 -8.09 15.41
CA GLU A 292 -26.43 -7.42 16.70
C GLU A 292 -26.22 -8.40 17.85
N LYS A 293 -26.85 -9.57 17.76
CA LYS A 293 -26.71 -10.54 18.85
C LYS A 293 -25.29 -11.10 18.89
N ALA A 294 -24.64 -11.22 17.74
CA ALA A 294 -23.27 -11.73 17.74
C ALA A 294 -22.32 -10.74 18.41
N LEU A 295 -22.52 -9.45 18.14
CA LEU A 295 -21.71 -8.42 18.78
C LEU A 295 -21.84 -8.49 20.30
N GLU A 296 -23.06 -8.64 20.81
N GLU A 296 -23.06 -8.64 20.81
CA GLU A 296 -23.22 -8.75 22.26
CA GLU A 296 -23.24 -8.75 22.26
C GLU A 296 -22.43 -9.93 22.80
C GLU A 296 -22.46 -9.93 22.82
N ILE A 297 -22.45 -11.07 22.10
CA ILE A 297 -21.67 -12.22 22.56
C ILE A 297 -20.18 -11.89 22.54
N ALA A 298 -19.68 -11.31 21.45
CA ALA A 298 -18.25 -11.05 21.35
C ALA A 298 -17.78 -10.11 22.45
N LEU A 299 -18.56 -9.07 22.75
CA LEU A 299 -18.13 -8.10 23.76
C LEU A 299 -18.20 -8.68 25.15
N GLU A 300 -19.24 -9.47 25.44
CA GLU A 300 -19.39 -10.06 26.76
C GLU A 300 -18.30 -11.08 27.04
N GLU A 301 -17.85 -11.80 26.01
CA GLU A 301 -16.93 -12.93 26.21
C GLU A 301 -15.46 -12.58 26.03
N THR A 302 -15.15 -11.45 25.40
CA THR A 302 -13.78 -11.00 25.22
C THR A 302 -13.32 -10.34 26.52
N LYS A 303 -12.56 -11.07 27.32
CA LYS A 303 -12.05 -10.52 28.56
C LYS A 303 -10.67 -11.11 28.82
N VAL A 304 -9.93 -10.45 29.72
CA VAL A 304 -8.56 -10.83 30.03
C VAL A 304 -8.51 -12.31 30.36
N GLY A 305 -7.61 -13.03 29.68
CA GLY A 305 -7.35 -14.41 29.98
C GLY A 305 -8.07 -15.39 29.10
N VAL A 306 -9.04 -14.93 28.31
CA VAL A 306 -9.82 -15.79 27.43
C VAL A 306 -9.03 -16.01 26.15
N PRO A 307 -8.92 -17.24 25.66
CA PRO A 307 -8.35 -17.45 24.32
C PRO A 307 -9.31 -16.95 23.23
N LEU A 308 -8.74 -16.36 22.18
CA LEU A 308 -9.58 -15.81 21.11
C LEU A 308 -10.47 -16.88 20.48
N ASN A 309 -9.93 -18.08 20.26
CA ASN A 309 -10.70 -19.14 19.64
C ASN A 309 -11.86 -19.60 20.51
N SER A 310 -11.76 -19.41 21.82
CA SER A 310 -12.90 -19.69 22.69
C SER A 310 -14.10 -18.83 22.27
N VAL A 311 -13.85 -17.55 21.94
CA VAL A 311 -14.92 -16.66 21.49
C VAL A 311 -15.36 -17.04 20.07
N GLU A 312 -14.41 -17.36 19.19
CA GLU A 312 -14.74 -17.81 17.84
C GLU A 312 -15.69 -18.99 17.86
N ARG A 313 -15.43 -19.97 18.73
CA ARG A 313 -16.30 -21.14 18.83
C ARG A 313 -17.70 -20.72 19.21
N LYS A 314 -17.83 -19.77 20.11
CA LYS A 314 -19.14 -19.31 20.55
C LYS A 314 -19.86 -18.56 19.43
N LEU A 315 -19.12 -17.74 18.66
CA LEU A 315 -19.75 -17.01 17.57
C LEU A 315 -20.20 -17.96 16.46
N PHE A 316 -19.37 -18.96 16.12
CA PHE A 316 -19.78 -19.94 15.13
C PHE A 316 -21.01 -20.71 15.60
N GLN A 317 -20.98 -21.18 16.85
CA GLN A 317 -22.13 -21.92 17.35
C GLN A 317 -23.39 -21.06 17.28
N PHE A 318 -23.28 -19.77 17.57
CA PHE A 318 -24.44 -18.89 17.50
C PHE A 318 -24.96 -18.75 16.08
N PHE A 319 -24.06 -18.58 15.09
CA PHE A 319 -24.50 -18.53 13.70
C PHE A 319 -25.16 -19.83 13.27
N LYS A 320 -24.72 -20.96 13.80
CA LYS A 320 -25.32 -22.24 13.41
C LYS A 320 -26.72 -22.39 13.99
N GLU A 321 -26.94 -21.99 15.25
CA GLU A 321 -28.26 -22.12 15.86
C GLU A 321 -29.30 -21.24 15.16
N ASN A 322 -28.87 -20.24 14.41
CA ASN A 322 -29.76 -19.28 13.76
C ASN A 322 -29.85 -19.49 12.26
N GLY A 323 -29.42 -20.65 11.76
CA GLY A 323 -29.55 -20.90 10.33
C GLY A 323 -28.58 -20.10 9.49
N PHE A 324 -27.51 -19.60 10.08
CA PHE A 324 -26.51 -18.80 9.37
C PHE A 324 -25.16 -19.48 9.35
N GLU A 325 -25.12 -20.80 9.50
CA GLU A 325 -23.86 -21.54 9.52
C GLU A 325 -23.01 -21.24 8.29
N ASP A 326 -23.63 -21.16 7.11
CA ASP A 326 -22.88 -20.87 5.89
C ASP A 326 -22.42 -19.44 5.79
N SER A 327 -22.85 -18.56 6.67
CA SER A 327 -22.48 -17.15 6.58
C SER A 327 -21.36 -16.77 7.54
N TYR A 328 -20.87 -17.70 8.34
CA TYR A 328 -19.86 -17.36 9.33
C TYR A 328 -18.48 -17.24 8.67
N LEU A 329 -17.77 -16.17 8.99
CA LEU A 329 -16.38 -15.98 8.62
C LEU A 329 -15.56 -15.90 9.89
N ALA A 330 -14.41 -16.57 9.90
CA ALA A 330 -13.55 -16.57 11.07
C ALA A 330 -12.80 -15.27 11.17
N GLY A 331 -12.45 -14.89 12.41
CA GLY A 331 -11.58 -13.76 12.65
C GLY A 331 -12.33 -12.56 13.18
N TYR A 332 -13.06 -12.74 14.29
CA TYR A 332 -13.97 -11.69 14.73
C TYR A 332 -13.25 -10.43 15.20
N THR A 333 -11.97 -10.53 15.54
CA THR A 333 -11.26 -9.39 16.08
C THR A 333 -9.84 -9.42 15.54
N HIS A 334 -9.16 -8.27 15.65
CA HIS A 334 -7.74 -8.15 15.36
C HIS A 334 -7.20 -7.02 16.23
N GLY A 335 -5.89 -7.09 16.49
CA GLY A 335 -5.25 -5.95 17.12
C GLY A 335 -5.26 -4.75 16.19
N VAL A 336 -5.11 -3.57 16.79
CA VAL A 336 -5.00 -2.30 16.07
C VAL A 336 -3.83 -1.53 16.64
N GLY A 337 -3.10 -0.82 15.79
CA GLY A 337 -2.01 0.03 16.29
C GLY A 337 -1.34 0.80 15.16
N LEU A 338 -0.02 0.63 15.00
CA LEU A 338 0.65 1.23 13.86
C LEU A 338 0.22 0.59 12.53
N LEU A 339 -0.50 -0.54 12.58
CA LEU A 339 -1.24 -1.09 11.44
C LEU A 339 -2.72 -1.13 11.79
N ILE A 340 -3.57 -0.97 10.77
CA ILE A 340 -5.01 -1.12 11.00
C ILE A 340 -5.31 -2.52 11.54
N GLU A 341 -4.66 -3.54 10.97
CA GLU A 341 -4.74 -4.95 11.37
C GLU A 341 -3.36 -5.46 11.77
N GLU A 342 -3.21 -5.84 13.04
CA GLU A 342 -1.98 -6.44 13.52
C GLU A 342 -2.33 -7.50 14.56
N PRO A 343 -1.40 -8.40 14.88
CA PRO A 343 -1.70 -9.47 15.84
C PRO A 343 -2.27 -8.93 17.13
N PRO A 344 -3.17 -9.69 17.77
CA PRO A 344 -3.58 -11.04 17.33
C PRO A 344 -4.57 -10.96 16.16
N MET A 345 -4.40 -11.81 15.15
CA MET A 345 -5.23 -11.79 13.94
C MET A 345 -5.08 -13.14 13.24
N PRO A 346 -6.07 -13.54 12.43
CA PRO A 346 -5.90 -14.74 11.60
C PRO A 346 -4.82 -14.56 10.55
N THR A 347 -4.06 -15.62 10.31
CA THR A 347 -2.98 -15.61 9.34
C THR A 347 -2.98 -16.94 8.60
N ILE A 348 -2.08 -17.06 7.64
CA ILE A 348 -1.92 -18.30 6.90
C ILE A 348 -0.91 -19.23 7.58
N PRO A 351 -1.77 -21.12 14.40
CA PRO A 351 -2.31 -22.46 14.64
C PRO A 351 -1.54 -23.32 15.65
N THR A 352 -0.43 -22.81 16.20
CA THR A 352 0.37 -23.61 17.14
C THR A 352 -0.15 -23.51 18.57
N ARG A 353 -0.18 -22.30 19.12
CA ARG A 353 -0.72 -22.04 20.44
C ARG A 353 -1.76 -20.93 20.37
N ALA A 354 -2.77 -21.05 21.22
CA ALA A 354 -3.82 -20.05 21.27
C ALA A 354 -3.28 -18.72 21.78
N THR A 355 -3.93 -17.64 21.36
CA THR A 355 -3.64 -16.30 21.87
C THR A 355 -4.73 -15.91 22.86
N LYS A 356 -4.33 -15.50 24.06
CA LYS A 356 -5.27 -15.10 25.10
C LYS A 356 -5.39 -13.58 25.16
N VAL A 357 -6.61 -13.09 25.35
CA VAL A 357 -6.84 -11.66 25.55
C VAL A 357 -6.03 -11.18 26.74
N ALA A 358 -5.37 -10.02 26.58
CA ALA A 358 -4.50 -9.49 27.62
C ALA A 358 -4.81 -8.02 27.82
N GLU A 359 -4.57 -7.54 29.03
CA GLU A 359 -4.78 -6.13 29.36
C GLU A 359 -3.94 -5.23 28.47
N ASN A 360 -4.52 -4.10 28.08
CA ASN A 360 -3.89 -3.08 27.25
C ASN A 360 -3.65 -3.53 25.82
N MET A 361 -4.21 -4.67 25.40
CA MET A 361 -4.43 -4.87 23.99
C MET A 361 -5.46 -3.86 23.50
N VAL A 362 -5.37 -3.51 22.22
CA VAL A 362 -6.38 -2.68 21.57
C VAL A 362 -6.97 -3.51 20.43
N LEU A 363 -8.27 -3.74 20.51
CA LEU A 363 -8.89 -4.73 19.63
C LEU A 363 -10.04 -4.11 18.85
N SER A 364 -10.19 -4.56 17.62
CA SER A 364 -11.28 -4.14 16.74
C SER A 364 -12.33 -5.25 16.71
N ILE A 365 -13.59 -4.90 17.01
CA ILE A 365 -14.67 -5.89 17.19
C ILE A 365 -15.98 -5.30 16.67
N ILE A 366 -16.75 -6.01 15.84
CA ILE A 366 -16.44 -7.25 15.14
C ILE A 366 -15.90 -6.88 13.76
N HIS A 367 -14.78 -7.49 13.38
CA HIS A 367 -14.14 -7.19 12.10
C HIS A 367 -14.82 -7.87 10.92
N THR A 368 -15.41 -9.04 11.11
CA THR A 368 -15.92 -9.79 9.96
C THR A 368 -17.30 -9.27 9.55
N PRO A 369 -17.59 -9.26 8.25
CA PRO A 369 -18.96 -8.98 7.80
C PRO A 369 -19.81 -10.23 7.78
N LEU A 370 -21.11 -10.02 7.89
CA LEU A 370 -22.11 -11.01 7.52
C LEU A 370 -22.50 -10.72 6.08
N MET A 371 -22.16 -11.65 5.17
CA MET A 371 -22.33 -11.42 3.74
C MET A 371 -23.70 -11.91 3.28
N ILE A 372 -24.50 -10.98 2.76
CA ILE A 372 -25.76 -11.33 2.10
C ILE A 372 -25.74 -10.66 0.72
N PRO A 373 -26.62 -11.10 -0.20
CA PRO A 373 -26.59 -10.47 -1.54
C PRO A 373 -26.76 -8.96 -1.49
N GLU A 374 -27.46 -8.43 -0.48
CA GLU A 374 -27.63 -6.98 -0.38
C GLU A 374 -26.40 -6.24 0.11
N GLY A 375 -25.46 -6.91 0.76
CA GLY A 375 -24.22 -6.25 1.11
C GLY A 375 -23.48 -6.96 2.23
N ALA A 376 -22.39 -6.34 2.66
CA ALA A 376 -21.56 -6.80 3.77
C ALA A 376 -22.04 -6.12 5.04
N ILE A 377 -22.74 -6.88 5.89
CA ILE A 377 -23.30 -6.33 7.11
C ILE A 377 -22.18 -6.26 8.14
N LYS A 378 -21.77 -5.05 8.53
CA LYS A 378 -20.63 -4.85 9.41
C LYS A 378 -20.94 -3.82 10.51
N HIS A 379 -20.51 -4.10 11.75
CA HIS A 379 -20.55 -3.11 12.82
C HIS A 379 -19.27 -3.30 13.64
N GLU A 380 -18.36 -2.34 13.57
CA GLU A 380 -17.01 -2.53 14.07
C GLU A 380 -16.56 -1.31 14.87
N ASP A 381 -15.94 -1.56 16.02
CA ASP A 381 -15.42 -0.48 16.84
C ASP A 381 -14.07 -0.89 17.42
N THR A 382 -13.30 0.10 17.87
CA THR A 382 -12.01 -0.14 18.50
C THR A 382 -12.19 -0.05 20.01
N TYR A 383 -11.69 -1.06 20.72
CA TYR A 383 -11.85 -1.17 22.17
C TYR A 383 -10.48 -1.28 22.84
N LEU A 384 -10.32 -0.65 23.98
CA LEU A 384 -9.19 -0.89 24.85
C LEU A 384 -9.53 -2.00 25.83
N VAL A 385 -8.67 -3.02 25.94
CA VAL A 385 -8.89 -4.09 26.90
C VAL A 385 -8.39 -3.61 28.28
N LYS A 386 -9.32 -3.41 29.22
CA LYS A 386 -8.92 -3.06 30.58
C LYS A 386 -8.96 -4.32 31.44
N LYS A 387 -8.56 -4.20 32.71
CA LYS A 387 -8.51 -5.36 33.57
C LYS A 387 -9.87 -6.02 33.74
N ASP A 388 -10.93 -5.22 33.86
CA ASP A 388 -12.26 -5.76 34.17
C ASP A 388 -13.32 -5.49 33.11
N GLU A 389 -12.99 -4.81 32.01
CA GLU A 389 -13.99 -4.44 31.03
C GLU A 389 -13.30 -4.10 29.71
N LEU A 390 -14.11 -3.87 28.67
CA LEU A 390 -13.67 -3.36 27.39
C LEU A 390 -14.15 -1.92 27.29
N GLU A 391 -13.24 -0.98 26.98
CA GLU A 391 -13.64 0.41 26.83
C GLU A 391 -13.71 0.77 25.35
N LYS A 392 -14.91 1.14 24.90
CA LYS A 392 -15.08 1.50 23.50
C LYS A 392 -14.43 2.86 23.26
N LEU A 393 -13.53 2.93 22.28
CA LEU A 393 -12.85 4.19 21.96
C LEU A 393 -13.49 4.96 20.81
N THR A 394 -14.01 4.25 19.79
CA THR A 394 -14.74 4.87 18.68
C THR A 394 -16.21 5.09 19.03
N ASN B 31 -15.62 -9.39 -32.38
CA ASN B 31 -16.31 -8.50 -31.45
C ASN B 31 -16.24 -7.04 -31.90
N LEU B 32 -16.92 -6.17 -31.16
CA LEU B 32 -17.08 -4.78 -31.52
C LEU B 32 -15.87 -3.96 -31.08
N TYR B 33 -15.53 -2.94 -31.88
CA TYR B 33 -14.40 -2.11 -31.47
C TYR B 33 -14.81 -0.99 -30.52
N PHE B 34 -16.11 -0.75 -30.34
CA PHE B 34 -16.60 0.20 -29.34
C PHE B 34 -16.41 -0.42 -27.95
N GLN B 35 -15.66 0.27 -27.07
CA GLN B 35 -15.33 -0.30 -25.76
C GLN B 35 -16.35 0.11 -24.69
N GLY B 36 -16.77 -0.88 -23.88
CA GLY B 36 -17.58 -0.61 -22.70
C GLY B 36 -16.78 0.22 -21.71
N THR B 37 -17.48 0.78 -20.72
CA THR B 37 -16.81 1.74 -19.83
C THR B 37 -15.65 1.15 -19.05
N ARG B 38 -15.59 -0.17 -18.83
CA ARG B 38 -14.44 -0.73 -18.13
C ARG B 38 -13.67 -1.73 -18.99
N GLY B 39 -13.84 -1.66 -20.31
CA GLY B 39 -13.14 -2.54 -21.22
C GLY B 39 -13.97 -3.76 -21.59
N ASN B 40 -13.86 -4.20 -22.84
CA ASN B 40 -14.57 -5.38 -23.29
C ASN B 40 -13.86 -6.62 -22.75
N GLN B 41 -14.63 -7.64 -22.37
CA GLN B 41 -14.03 -8.81 -21.73
C GLN B 41 -13.06 -9.56 -22.64
N LYS B 42 -13.21 -9.42 -23.96
CA LYS B 42 -12.26 -10.07 -24.88
C LYS B 42 -10.81 -9.60 -24.66
N ILE B 43 -10.61 -8.33 -24.27
CA ILE B 43 -9.26 -7.82 -24.03
C ILE B 43 -8.51 -8.71 -23.05
N PHE B 44 -9.17 -9.05 -21.93
CA PHE B 44 -8.49 -9.74 -20.84
C PHE B 44 -8.37 -11.23 -21.12
N ARG B 45 -9.37 -11.81 -21.80
N ARG B 45 -9.37 -11.81 -21.79
CA ARG B 45 -9.27 -13.21 -22.21
CA ARG B 45 -9.27 -13.20 -22.22
C ARG B 45 -8.07 -13.42 -23.13
C ARG B 45 -8.07 -13.41 -23.12
N LYS B 46 -7.86 -12.50 -24.08
CA LYS B 46 -6.70 -12.60 -24.96
C LYS B 46 -5.37 -12.42 -24.20
N ARG B 47 -5.33 -11.50 -23.25
CA ARG B 47 -4.11 -11.38 -22.44
C ARG B 47 -3.82 -12.67 -21.68
N MET B 48 -4.86 -13.29 -21.11
CA MET B 48 -4.63 -14.54 -20.38
C MET B 48 -4.07 -15.61 -21.30
N GLU B 49 -4.64 -15.71 -22.50
CA GLU B 49 -4.18 -16.70 -23.47
C GLU B 49 -2.71 -16.48 -23.82
N ARG B 50 -2.34 -15.23 -24.14
CA ARG B 50 -0.95 -14.88 -24.39
C ARG B 50 -0.06 -15.19 -23.19
N PHE B 51 -0.54 -14.90 -21.98
CA PHE B 51 0.25 -15.18 -20.78
C PHE B 51 0.46 -16.68 -20.60
N GLN B 52 -0.58 -17.50 -20.84
CA GLN B 52 -0.40 -18.95 -20.75
C GLN B 52 0.61 -19.47 -21.77
N GLU B 53 0.61 -18.93 -23.01
CA GLU B 53 1.61 -19.34 -23.98
C GLU B 53 3.03 -19.05 -23.49
N ALA B 54 3.23 -17.88 -22.86
CA ALA B 54 4.55 -17.54 -22.33
C ALA B 54 4.98 -18.50 -21.23
N LEU B 55 4.05 -18.90 -20.37
CA LEU B 55 4.36 -19.91 -19.37
C LEU B 55 4.79 -21.22 -20.04
N LYS B 56 4.04 -21.66 -21.06
CA LYS B 56 4.40 -22.89 -21.75
C LYS B 56 5.77 -22.76 -22.39
N GLU B 57 6.04 -21.60 -22.96
CA GLU B 57 7.30 -21.37 -23.66
C GLU B 57 8.48 -21.46 -22.70
N LYS B 58 8.32 -21.00 -21.46
CA LYS B 58 9.39 -21.09 -20.47
C LYS B 58 9.28 -22.32 -19.58
N ASP B 59 8.44 -23.30 -19.92
CA ASP B 59 8.35 -24.54 -19.16
C ASP B 59 7.84 -24.30 -17.74
N ILE B 60 6.98 -23.31 -17.57
CA ILE B 60 6.36 -23.01 -16.28
C ILE B 60 5.01 -23.73 -16.23
N ASP B 61 4.81 -24.56 -15.20
CA ASP B 61 3.59 -25.35 -15.15
C ASP B 61 2.37 -24.50 -14.76
N ALA B 62 2.56 -23.47 -13.96
CA ALA B 62 1.45 -22.66 -13.48
C ALA B 62 2.01 -21.39 -12.86
N ALA B 63 1.12 -20.40 -12.66
CA ALA B 63 1.52 -19.14 -12.05
C ALA B 63 0.54 -18.78 -10.95
N VAL B 64 1.07 -18.23 -9.87
CA VAL B 64 0.26 -17.65 -8.81
C VAL B 64 0.39 -16.14 -8.94
N ILE B 65 -0.73 -15.47 -9.20
CA ILE B 65 -0.74 -14.03 -9.43
C ILE B 65 -1.34 -13.39 -8.17
N ARG B 66 -0.53 -12.68 -7.40
CA ARG B 66 -1.05 -12.05 -6.21
C ARG B 66 -0.73 -10.56 -6.14
N THR B 67 -0.14 -10.00 -7.19
CA THR B 67 -0.04 -8.55 -7.31
C THR B 67 -1.35 -8.03 -7.85
N LEU B 68 -1.83 -6.92 -7.25
CA LEU B 68 -3.07 -6.35 -7.72
C LEU B 68 -2.96 -5.95 -9.20
N SER B 69 -1.82 -5.38 -9.59
CA SER B 69 -1.74 -4.82 -10.94
C SER B 69 -1.83 -5.91 -12.00
N THR B 70 -1.11 -7.04 -11.83
CA THR B 70 -1.28 -8.10 -12.84
C THR B 70 -2.63 -8.80 -12.71
N PHE B 71 -3.16 -8.91 -11.50
CA PHE B 71 -4.51 -9.43 -11.34
C PHE B 71 -5.50 -8.62 -12.19
N ILE B 72 -5.41 -7.29 -12.13
CA ILE B 72 -6.33 -6.47 -12.93
C ILE B 72 -6.06 -6.72 -14.40
N TYR B 73 -4.77 -6.81 -14.77
CA TYR B 73 -4.41 -6.93 -16.16
C TYR B 73 -5.05 -8.16 -16.80
N LEU B 74 -5.11 -9.26 -16.05
CA LEU B 74 -5.54 -10.55 -16.60
C LEU B 74 -7.02 -10.84 -16.36
N THR B 75 -7.61 -10.37 -15.24
CA THR B 75 -9.03 -10.60 -14.97
C THR B 75 -9.93 -9.49 -15.44
N GLY B 76 -9.38 -8.30 -15.69
CA GLY B 76 -10.18 -7.15 -16.06
C GLY B 76 -10.84 -6.42 -14.91
N THR B 77 -10.62 -6.84 -13.65
CA THR B 77 -11.28 -6.16 -12.55
C THR B 77 -10.35 -6.08 -11.36
N LYS B 78 -10.50 -5.01 -10.60
CA LYS B 78 -9.86 -4.92 -9.29
C LYS B 78 -10.64 -5.80 -8.33
N TRP B 79 -9.96 -6.63 -7.55
CA TRP B 79 -10.61 -7.33 -6.44
C TRP B 79 -9.60 -7.52 -5.33
N LEU B 80 -10.04 -7.37 -4.09
CA LEU B 80 -9.17 -7.56 -2.93
C LEU B 80 -9.69 -8.71 -2.08
N ARG B 81 -8.80 -9.58 -1.63
CA ARG B 81 -7.37 -9.56 -2.00
C ARG B 81 -7.24 -10.22 -3.37
N PRO B 82 -6.23 -9.83 -4.16
CA PRO B 82 -6.05 -10.43 -5.49
C PRO B 82 -5.42 -11.80 -5.40
N SER B 83 -6.15 -12.82 -5.82
CA SER B 83 -5.65 -14.19 -5.77
C SER B 83 -6.12 -14.93 -7.01
N LEU B 84 -5.21 -15.17 -7.94
CA LEU B 84 -5.49 -15.76 -9.24
C LEU B 84 -4.50 -16.88 -9.51
N PHE B 85 -5.00 -18.04 -9.88
CA PHE B 85 -4.17 -19.19 -10.23
C PHE B 85 -4.30 -19.46 -11.72
N VAL B 86 -3.17 -19.51 -12.43
CA VAL B 86 -3.16 -19.70 -13.88
C VAL B 86 -2.36 -20.94 -14.23
N PRO B 87 -2.99 -22.04 -14.62
CA PRO B 87 -2.23 -23.18 -15.15
C PRO B 87 -1.74 -22.86 -16.54
N ALA B 88 -0.61 -23.48 -16.93
CA ALA B 88 -0.13 -23.30 -18.29
C ALA B 88 -1.16 -23.77 -19.30
N GLU B 89 -1.94 -24.79 -18.95
CA GLU B 89 -3.01 -25.34 -19.77
C GLU B 89 -4.27 -25.43 -18.92
N GLY B 90 -5.37 -24.81 -19.39
CA GLY B 90 -6.65 -24.95 -18.76
C GLY B 90 -7.25 -23.61 -18.37
N GLU B 91 -8.30 -23.66 -17.55
CA GLU B 91 -8.98 -22.44 -17.15
C GLU B 91 -8.39 -21.91 -15.85
N PRO B 92 -8.25 -20.59 -15.73
CA PRO B 92 -7.75 -20.01 -14.47
C PRO B 92 -8.79 -20.08 -13.38
N THR B 93 -8.33 -19.86 -12.15
CA THR B 93 -9.21 -19.86 -10.99
C THR B 93 -8.92 -18.63 -10.15
N VAL B 94 -9.98 -17.97 -9.71
CA VAL B 94 -9.89 -16.82 -8.81
C VAL B 94 -10.49 -17.23 -7.47
N PHE B 95 -9.84 -16.83 -6.38
CA PHE B 95 -10.27 -17.12 -5.03
C PHE B 95 -10.81 -15.87 -4.37
N VAL B 96 -12.04 -15.94 -3.82
CA VAL B 96 -12.70 -14.84 -3.15
C VAL B 96 -13.29 -15.31 -1.82
N VAL B 97 -13.78 -14.35 -1.05
CA VAL B 97 -14.40 -14.66 0.25
C VAL B 97 -15.84 -15.11 0.01
N LYS B 98 -16.33 -16.04 0.84
CA LYS B 98 -17.69 -16.52 0.68
C LYS B 98 -18.65 -15.34 0.65
N GLY B 99 -19.54 -15.33 -0.36
CA GLY B 99 -20.47 -14.26 -0.59
C GLY B 99 -20.13 -13.35 -1.75
N GLU B 100 -18.89 -13.41 -2.24
CA GLU B 100 -18.40 -12.50 -3.29
C GLU B 100 -18.41 -13.09 -4.68
N ALA B 101 -18.62 -14.41 -4.83
CA ALA B 101 -18.40 -15.04 -6.13
C ALA B 101 -19.34 -14.47 -7.19
N GLU B 102 -20.63 -14.38 -6.88
CA GLU B 102 -21.59 -13.87 -7.85
C GLU B 102 -21.23 -12.46 -8.27
N GLU B 103 -20.77 -11.67 -7.31
CA GLU B 103 -20.41 -10.28 -7.60
C GLU B 103 -19.16 -10.20 -8.47
N PHE B 104 -18.16 -11.05 -8.19
CA PHE B 104 -16.95 -11.04 -9.01
C PHE B 104 -17.26 -11.48 -10.44
N LYS B 105 -18.12 -12.48 -10.61
CA LYS B 105 -18.41 -12.97 -11.96
C LYS B 105 -19.12 -11.93 -12.80
N ARG B 106 -19.90 -11.03 -12.19
CA ARG B 106 -20.48 -9.94 -12.96
C ARG B 106 -19.44 -8.97 -13.48
N ARG B 107 -18.29 -8.90 -12.83
CA ARG B 107 -17.26 -7.94 -13.19
C ARG B 107 -16.19 -8.52 -14.10
N SER B 108 -16.11 -9.84 -14.24
CA SER B 108 -14.96 -10.44 -14.88
C SER B 108 -15.36 -11.56 -15.82
N TRP B 109 -14.52 -11.80 -16.84
CA TRP B 109 -14.75 -12.92 -17.74
C TRP B 109 -14.46 -14.25 -17.06
N ILE B 110 -13.75 -14.25 -15.94
CA ILE B 110 -13.31 -15.49 -15.31
C ILE B 110 -14.53 -16.24 -14.81
N GLU B 111 -14.58 -17.55 -15.07
CA GLU B 111 -15.71 -18.38 -14.62
C GLU B 111 -15.41 -19.26 -13.41
N ASN B 112 -14.18 -19.75 -13.26
CA ASN B 112 -13.84 -20.59 -12.09
C ASN B 112 -13.56 -19.68 -10.93
N VAL B 113 -14.51 -19.59 -9.99
CA VAL B 113 -14.35 -18.75 -8.79
C VAL B 113 -14.60 -19.62 -7.57
N VAL B 114 -13.64 -19.66 -6.65
CA VAL B 114 -13.73 -20.48 -5.44
C VAL B 114 -13.87 -19.56 -4.23
N GLU B 115 -14.83 -19.85 -3.36
CA GLU B 115 -15.08 -19.05 -2.17
C GLU B 115 -14.47 -19.72 -0.94
N PHE B 116 -13.89 -18.92 -0.04
CA PHE B 116 -13.39 -19.46 1.21
C PHE B 116 -13.93 -18.67 2.40
N GLN B 117 -13.93 -19.33 3.56
CA GLN B 117 -14.41 -18.77 4.83
C GLN B 117 -13.29 -18.45 5.83
N LYS B 118 -12.06 -18.86 5.56
CA LYS B 118 -10.90 -18.64 6.43
C LYS B 118 -9.70 -18.41 5.53
N VAL B 119 -8.84 -17.45 5.89
CA VAL B 119 -7.68 -17.22 5.03
C VAL B 119 -6.80 -18.47 4.97
N GLU B 120 -6.83 -19.30 6.02
CA GLU B 120 -6.15 -20.59 5.98
C GLU B 120 -6.62 -21.44 4.80
N ASP B 121 -7.95 -21.50 4.59
CA ASP B 121 -8.48 -22.30 3.49
C ASP B 121 -8.02 -21.78 2.14
N LEU B 122 -7.78 -20.47 2.03
CA LEU B 122 -7.27 -19.91 0.78
C LEU B 122 -5.93 -20.52 0.42
N MET B 123 -4.97 -20.46 1.34
CA MET B 123 -3.65 -21.03 1.13
C MET B 123 -3.74 -22.51 0.76
N ALA B 124 -4.59 -23.27 1.46
CA ALA B 124 -4.78 -24.68 1.16
C ALA B 124 -5.38 -24.90 -0.22
N GLY B 125 -6.27 -24.02 -0.66
CA GLY B 125 -6.85 -24.19 -1.98
C GLY B 125 -5.82 -24.02 -3.08
N VAL B 126 -4.96 -23.02 -2.96
CA VAL B 126 -3.90 -22.83 -3.94
C VAL B 126 -2.95 -24.03 -3.91
N VAL B 127 -2.63 -24.52 -2.71
CA VAL B 127 -1.77 -25.68 -2.59
C VAL B 127 -2.41 -26.89 -3.26
N LYS B 128 -3.73 -27.06 -3.09
CA LYS B 128 -4.39 -28.22 -3.70
C LYS B 128 -4.32 -28.16 -5.22
N LEU B 129 -4.53 -26.97 -5.81
CA LEU B 129 -4.46 -26.88 -7.26
C LEU B 129 -3.06 -27.18 -7.79
N ILE B 130 -2.03 -26.80 -7.03
CA ILE B 130 -0.66 -27.08 -7.47
C ILE B 130 -0.37 -28.56 -7.43
N GLN B 131 -0.73 -29.22 -6.33
CA GLN B 131 -0.38 -30.61 -6.14
C GLN B 131 -1.20 -31.53 -7.03
N SER B 132 -2.49 -31.25 -7.19
CA SER B 132 -3.35 -32.12 -7.99
C SER B 132 -2.88 -32.16 -9.45
N SER B 133 -2.35 -31.04 -9.94
CA SER B 133 -1.85 -30.91 -11.30
C SER B 133 -0.40 -31.35 -11.48
N GLY B 134 0.30 -31.72 -10.40
CA GLY B 134 1.68 -32.15 -10.46
C GLY B 134 2.71 -31.09 -10.86
N ALA B 135 2.42 -29.81 -10.61
CA ALA B 135 3.32 -28.74 -11.02
C ALA B 135 4.68 -28.86 -10.32
N ARG B 136 5.75 -28.66 -11.09
CA ARG B 136 7.10 -28.67 -10.53
C ARG B 136 7.77 -27.31 -10.55
N ARG B 137 7.42 -26.45 -11.51
CA ARG B 137 7.91 -25.08 -11.57
C ARG B 137 6.72 -24.15 -11.60
N VAL B 138 6.66 -23.24 -10.63
CA VAL B 138 5.51 -22.35 -10.44
C VAL B 138 6.00 -20.91 -10.44
N GLY B 139 5.32 -20.05 -11.19
CA GLY B 139 5.71 -18.66 -11.29
C GLY B 139 5.09 -17.82 -10.18
N LEU B 140 5.90 -16.89 -9.68
CA LEU B 140 5.46 -15.87 -8.73
C LEU B 140 6.10 -14.55 -9.13
N GLU B 141 5.36 -13.45 -9.00
CA GLU B 141 5.94 -12.14 -9.28
C GLU B 141 6.69 -11.66 -8.05
N PHE B 142 7.98 -11.40 -8.20
CA PHE B 142 8.79 -10.83 -7.13
C PHE B 142 8.65 -9.31 -7.18
N GLY B 143 7.46 -8.85 -6.84
CA GLY B 143 7.09 -7.47 -7.06
C GLY B 143 7.32 -6.60 -5.85
N VAL B 144 6.80 -5.39 -5.96
CA VAL B 144 6.98 -4.39 -4.90
C VAL B 144 5.63 -3.73 -4.67
N GLU B 145 4.56 -4.53 -4.64
CA GLU B 145 3.22 -4.04 -4.40
C GLU B 145 2.40 -5.13 -3.71
N ARG B 146 1.29 -4.74 -3.10
CA ARG B 146 0.33 -5.72 -2.58
C ARG B 146 -0.15 -6.65 -3.68
N ASP B 147 -0.26 -7.95 -3.38
CA ASP B 147 0.05 -8.58 -2.11
C ASP B 147 1.33 -9.43 -2.19
N ALA B 148 2.36 -8.96 -2.89
CA ALA B 148 3.60 -9.74 -3.06
C ALA B 148 4.52 -9.56 -1.85
N TYR B 149 4.04 -9.99 -0.69
CA TYR B 149 4.77 -9.83 0.56
C TYR B 149 5.54 -11.10 0.94
N LEU B 150 6.45 -10.92 1.90
CA LEU B 150 7.37 -11.99 2.22
C LEU B 150 6.66 -13.13 2.94
N LEU B 151 5.59 -12.83 3.68
CA LEU B 151 4.92 -13.87 4.48
C LEU B 151 4.32 -14.96 3.60
N PHE B 152 3.64 -14.56 2.51
CA PHE B 152 3.11 -15.56 1.59
C PHE B 152 4.21 -16.40 0.97
N PHE B 153 5.31 -15.76 0.57
CA PHE B 153 6.40 -16.50 -0.05
C PHE B 153 6.96 -17.54 0.92
N LYS B 154 7.14 -17.15 2.18
CA LYS B 154 7.74 -18.06 3.15
C LYS B 154 6.86 -19.28 3.38
N MET B 155 5.55 -19.07 3.55
CA MET B 155 4.62 -20.17 3.75
C MET B 155 4.49 -21.02 2.49
N PHE B 156 4.42 -20.36 1.33
CA PHE B 156 4.30 -21.10 0.09
C PHE B 156 5.46 -22.05 -0.13
N GLN B 157 6.70 -21.60 0.12
CA GLN B 157 7.81 -22.54 -0.04
C GLN B 157 7.72 -23.68 0.96
N ARG B 158 7.33 -23.39 2.19
CA ARG B 158 7.24 -24.44 3.21
C ARG B 158 6.21 -25.48 2.81
N LEU B 159 5.05 -25.05 2.31
CA LEU B 159 3.99 -25.99 1.97
C LEU B 159 4.24 -26.69 0.64
N ASN B 160 5.12 -26.15 -0.20
CA ASN B 160 5.45 -26.74 -1.48
C ASN B 160 6.96 -26.95 -1.57
N PRO B 161 7.53 -27.86 -0.77
CA PRO B 161 8.99 -28.00 -0.72
C PRO B 161 9.60 -28.48 -2.03
N THR B 162 8.89 -29.32 -2.78
CA THR B 162 9.42 -29.86 -4.02
C THR B 162 9.24 -28.91 -5.20
N VAL B 163 8.59 -27.77 -4.99
CA VAL B 163 8.23 -26.86 -6.06
C VAL B 163 9.32 -25.80 -6.18
N GLU B 164 9.74 -25.54 -7.42
CA GLU B 164 10.68 -24.47 -7.68
C GLU B 164 9.89 -23.21 -8.03
N VAL B 165 10.11 -22.16 -7.27
CA VAL B 165 9.47 -20.88 -7.53
C VAL B 165 10.34 -20.09 -8.48
N VAL B 166 9.76 -19.61 -9.58
CA VAL B 166 10.47 -18.78 -10.55
C VAL B 166 9.80 -17.41 -10.61
N ASP B 167 10.63 -16.36 -10.65
CA ASP B 167 10.12 -15.01 -10.79
C ASP B 167 9.59 -14.83 -12.21
N ILE B 168 8.35 -14.36 -12.35
CA ILE B 168 7.78 -14.15 -13.67
C ILE B 168 7.46 -12.68 -13.93
N LEU B 169 8.05 -11.77 -13.14
CA LEU B 169 7.83 -10.35 -13.40
C LEU B 169 8.30 -9.98 -14.79
N ASP B 170 9.37 -10.63 -15.28
CA ASP B 170 9.82 -10.33 -16.64
C ASP B 170 8.76 -10.70 -17.67
N ILE B 171 7.98 -11.76 -17.43
CA ILE B 171 6.93 -12.16 -18.36
C ILE B 171 5.78 -11.17 -18.32
N THR B 172 5.23 -10.93 -17.12
CA THR B 172 4.04 -10.08 -17.02
C THR B 172 4.35 -8.65 -17.46
N MET B 173 5.51 -8.11 -17.04
CA MET B 173 5.88 -6.77 -17.49
C MET B 173 6.31 -6.74 -18.96
N GLY B 174 6.81 -7.86 -19.49
CA GLY B 174 7.07 -7.90 -20.92
C GLY B 174 5.79 -7.63 -21.70
N MET B 175 4.67 -8.16 -21.21
CA MET B 175 3.38 -7.85 -21.84
C MET B 175 2.92 -6.44 -21.52
N ARG B 176 3.05 -6.02 -20.26
CA ARG B 176 2.40 -4.80 -19.81
C ARG B 176 3.14 -3.55 -20.24
N MET B 177 4.43 -3.64 -20.55
CA MET B 177 5.19 -2.45 -20.88
C MET B 177 4.84 -1.94 -22.28
N ILE B 178 4.25 -2.77 -23.14
CA ILE B 178 3.81 -2.35 -24.49
C ILE B 178 2.29 -2.25 -24.44
N LYS B 179 1.78 -1.04 -24.56
CA LYS B 179 0.37 -0.77 -24.33
C LYS B 179 -0.47 -1.02 -25.58
N ASP B 180 -1.67 -1.56 -25.39
CA ASP B 180 -2.65 -1.60 -26.47
C ASP B 180 -3.42 -0.28 -26.54
N GLU B 181 -4.27 -0.15 -27.56
CA GLU B 181 -4.91 1.14 -27.83
C GLU B 181 -5.90 1.53 -26.75
N TRP B 182 -6.58 0.57 -26.14
CA TRP B 182 -7.49 0.84 -25.03
C TRP B 182 -6.73 1.31 -23.79
N GLU B 183 -5.63 0.65 -23.48
CA GLU B 183 -4.77 1.09 -22.39
C GLU B 183 -4.30 2.51 -22.58
N ILE B 184 -3.89 2.86 -23.81
CA ILE B 184 -3.44 4.23 -24.06
C ILE B 184 -4.57 5.24 -23.81
N GLU B 185 -5.79 4.89 -24.24
CA GLU B 185 -6.93 5.75 -23.99
C GLU B 185 -7.20 5.91 -22.49
N ASN B 186 -7.07 4.81 -21.71
CA ASN B 186 -7.24 4.95 -20.26
C ASN B 186 -6.23 5.93 -19.69
N ILE B 187 -4.99 5.85 -20.16
CA ILE B 187 -3.94 6.71 -19.63
C ILE B 187 -4.17 8.16 -20.04
N ARG B 188 -4.62 8.40 -21.28
CA ARG B 188 -4.98 9.76 -21.66
C ARG B 188 -6.03 10.33 -20.72
N LYS B 189 -7.04 9.52 -20.39
CA LYS B 189 -8.09 9.96 -19.47
C LYS B 189 -7.54 10.20 -18.09
N ALA B 190 -6.67 9.31 -17.60
CA ALA B 190 -6.03 9.53 -16.30
C ALA B 190 -5.20 10.82 -16.30
N ALA B 191 -4.55 11.10 -17.44
CA ALA B 191 -3.72 12.30 -17.50
C ALA B 191 -4.57 13.56 -17.39
N LYS B 192 -5.76 13.57 -18.00
CA LYS B 192 -6.59 14.76 -17.88
C LYS B 192 -7.05 14.95 -16.44
N ILE B 193 -7.33 13.84 -15.75
CA ILE B 193 -7.69 13.93 -14.33
C ILE B 193 -6.51 14.47 -13.51
N ALA B 194 -5.30 13.99 -13.79
CA ALA B 194 -4.14 14.50 -13.06
C ALA B 194 -4.04 16.00 -13.24
N ASN B 195 -4.29 16.49 -14.47
N ASN B 195 -4.31 16.51 -14.45
CA ASN B 195 -4.29 17.93 -14.73
CA ASN B 195 -4.26 17.95 -14.68
C ASN B 195 -5.28 18.66 -13.84
C ASN B 195 -5.31 18.69 -13.87
N LYS B 196 -6.49 18.10 -13.69
CA LYS B 196 -7.48 18.75 -12.84
C LYS B 196 -6.98 18.83 -11.40
N GLY B 197 -6.35 17.77 -10.90
CA GLY B 197 -5.79 17.83 -9.56
C GLY B 197 -4.65 18.85 -9.43
N MET B 198 -3.77 18.92 -10.45
CA MET B 198 -2.67 19.89 -10.40
C MET B 198 -3.18 21.34 -10.46
N LYS B 199 -4.27 21.57 -11.18
CA LYS B 199 -4.90 22.89 -11.20
C LYS B 199 -5.43 23.27 -9.82
N VAL B 200 -6.06 22.33 -9.11
CA VAL B 200 -6.47 22.60 -7.73
C VAL B 200 -5.25 22.96 -6.86
N ALA B 201 -4.16 22.18 -6.96
CA ALA B 201 -2.93 22.49 -6.23
C ALA B 201 -2.48 23.92 -6.51
N GLU B 202 -2.40 24.29 -7.79
CA GLU B 202 -1.92 25.62 -8.16
C GLU B 202 -2.80 26.71 -7.55
N GLU B 203 -4.12 26.46 -7.49
CA GLU B 203 -5.04 27.48 -6.99
C GLU B 203 -4.95 27.65 -5.48
N ILE B 204 -4.62 26.60 -4.73
CA ILE B 204 -4.76 26.68 -3.28
C ILE B 204 -3.45 26.89 -2.53
N ILE B 205 -2.30 26.57 -3.12
CA ILE B 205 -1.06 26.65 -2.38
C ILE B 205 -0.80 28.10 -1.98
N LYS B 206 -0.60 28.33 -0.69
CA LYS B 206 -0.27 29.65 -0.18
C LYS B 206 0.39 29.47 1.19
N PRO B 207 1.13 30.47 1.66
CA PRO B 207 1.73 30.34 2.99
C PRO B 207 0.69 29.99 4.05
N GLY B 208 1.08 29.13 4.96
CA GLY B 208 0.28 28.81 6.13
C GLY B 208 -0.47 27.50 6.04
N LEU B 209 -0.65 26.96 4.83
CA LEU B 209 -1.30 25.67 4.63
C LEU B 209 -0.33 24.53 4.93
N SER B 210 -0.86 23.45 5.49
CA SER B 210 0.00 22.29 5.69
C SER B 210 0.07 21.44 4.43
N GLU B 211 1.11 20.59 4.35
CA GLU B 211 1.19 19.64 3.25
C GLU B 211 -0.06 18.79 3.17
N LEU B 212 -0.59 18.37 4.33
CA LEU B 212 -1.74 17.46 4.37
C LEU B 212 -2.99 18.16 3.89
N GLU B 213 -3.18 19.43 4.29
CA GLU B 213 -4.34 20.21 3.88
C GLU B 213 -4.37 20.42 2.39
N ILE B 214 -3.19 20.66 1.78
CA ILE B 214 -3.09 20.82 0.34
C ILE B 214 -3.41 19.50 -0.34
N ALA B 215 -2.80 18.42 0.16
CA ALA B 215 -3.03 17.09 -0.40
C ALA B 215 -4.50 16.70 -0.31
N ALA B 216 -5.17 17.07 0.79
CA ALA B 216 -6.57 16.69 0.97
C ALA B 216 -7.44 17.23 -0.17
N GLU B 217 -7.24 18.50 -0.56
CA GLU B 217 -8.09 19.06 -1.61
C GLU B 217 -7.78 18.46 -2.97
N ILE B 218 -6.50 18.18 -3.23
CA ILE B 218 -6.11 17.48 -4.46
C ILE B 218 -6.73 16.10 -4.52
N TYR B 219 -6.62 15.32 -3.44
CA TYR B 219 -7.20 13.97 -3.39
C TYR B 219 -8.69 13.99 -3.73
N ARG B 220 -9.42 14.90 -3.09
CA ARG B 220 -10.85 14.94 -3.34
C ARG B 220 -11.13 15.21 -4.81
N GLU B 221 -10.46 16.18 -5.40
CA GLU B 221 -10.70 16.48 -6.81
C GLU B 221 -10.44 15.27 -7.71
N LEU B 222 -9.35 14.53 -7.45
CA LEU B 222 -9.05 13.32 -8.24
C LEU B 222 -10.16 12.27 -8.10
N MET B 223 -10.61 12.03 -6.87
CA MET B 223 -11.66 11.03 -6.67
C MET B 223 -12.98 11.49 -7.30
N LEU B 224 -13.32 12.76 -7.16
CA LEU B 224 -14.59 13.25 -7.72
C LEU B 224 -14.59 13.23 -9.25
N ASN B 225 -13.43 13.10 -9.87
CA ASN B 225 -13.37 12.89 -11.31
C ASN B 225 -13.19 11.43 -11.69
N GLY B 226 -13.34 10.51 -10.75
CA GLY B 226 -13.39 9.11 -11.15
C GLY B 226 -12.16 8.27 -10.86
N SER B 227 -11.08 8.86 -10.32
CA SER B 227 -9.91 8.06 -9.95
C SER B 227 -10.17 7.31 -8.65
N GLU B 228 -9.93 5.99 -8.69
CA GLU B 228 -10.30 5.11 -7.60
C GLU B 228 -9.15 4.79 -6.64
N ASP B 229 -7.89 5.03 -7.06
N ASP B 229 -7.89 5.01 -7.02
CA ASP B 229 -6.72 4.81 -6.22
CA ASP B 229 -6.77 4.89 -6.07
C ASP B 229 -5.65 5.89 -6.40
C ASP B 229 -5.68 5.90 -6.42
N PRO B 230 -5.96 7.19 -6.25
CA PRO B 230 -4.94 8.21 -6.51
C PRO B 230 -3.87 8.20 -5.42
N LYS B 231 -2.74 8.81 -5.73
CA LYS B 231 -1.64 9.04 -4.80
C LYS B 231 -1.11 10.45 -4.98
N VAL B 232 -1.01 11.22 -3.89
CA VAL B 232 -0.64 12.63 -3.93
C VAL B 232 0.53 12.85 -2.96
N TYR B 233 1.61 13.44 -3.47
CA TYR B 233 2.75 13.84 -2.64
C TYR B 233 2.79 15.36 -2.60
N VAL B 234 3.06 15.93 -1.41
CA VAL B 234 3.20 17.37 -1.30
C VAL B 234 4.36 17.61 -0.34
N SER B 235 5.42 18.25 -0.82
CA SER B 235 6.58 18.48 0.04
C SER B 235 6.92 19.95 0.14
N THR B 236 7.21 20.38 1.37
CA THR B 236 7.77 21.69 1.68
C THR B 236 9.21 21.55 2.18
N THR B 237 9.75 20.34 2.21
CA THR B 237 11.16 20.07 2.45
C THR B 237 11.57 19.06 1.40
N PRO B 238 12.86 18.94 1.09
CA PRO B 238 13.26 18.03 0.02
C PRO B 238 13.06 16.56 0.39
N ARG B 239 12.06 15.92 -0.19
CA ARG B 239 11.80 14.49 -0.02
C ARG B 239 11.45 13.89 -1.37
N ALA B 240 12.05 12.74 -1.68
CA ALA B 240 11.76 12.04 -2.92
C ALA B 240 10.43 11.30 -2.90
N HIS B 241 10.03 10.77 -1.74
CA HIS B 241 8.75 10.06 -1.58
C HIS B 241 7.95 10.87 -0.57
N ALA B 242 7.31 11.93 -1.03
CA ALA B 242 6.86 13.01 -0.16
C ALA B 242 5.39 12.84 0.24
N GLU B 243 5.09 11.76 0.97
CA GLU B 243 3.74 11.66 1.52
C GLU B 243 3.56 12.78 2.56
N PRO B 244 2.42 13.46 2.57
CA PRO B 244 2.33 14.72 3.33
C PRO B 244 2.31 14.53 4.84
N PHE B 245 2.88 15.52 5.54
CA PHE B 245 2.81 15.59 6.99
C PHE B 245 1.81 16.64 7.43
N ARG B 246 1.13 16.35 8.56
CA ARG B 246 0.14 17.27 9.06
C ARG B 246 0.78 18.55 9.60
N ASP B 247 2.07 18.51 9.97
CA ASP B 247 2.69 19.60 10.72
C ASP B 247 3.81 20.29 9.97
N LEU B 248 3.90 20.12 8.65
CA LEU B 248 4.79 20.90 7.79
C LEU B 248 3.97 21.86 6.97
N LYS B 249 4.22 23.16 7.14
CA LYS B 249 3.40 24.20 6.52
C LYS B 249 4.19 25.00 5.48
N VAL B 250 3.46 25.55 4.51
CA VAL B 250 4.07 26.42 3.50
C VAL B 250 4.52 27.73 4.14
N LYS B 251 5.77 28.09 3.91
CA LYS B 251 6.36 29.33 4.42
C LYS B 251 6.37 30.39 3.33
N GLU B 252 6.57 31.64 3.73
CA GLU B 252 6.77 32.69 2.75
C GLU B 252 8.04 32.37 1.96
N ASN B 253 8.08 32.74 0.68
CA ASN B 253 9.32 32.61 -0.10
C ASN B 253 9.91 31.20 -0.01
N SER B 254 9.15 30.21 -0.47
CA SER B 254 9.51 28.82 -0.33
C SER B 254 9.10 28.06 -1.59
N VAL B 255 9.41 26.77 -1.63
N VAL B 255 9.39 26.76 -1.60
CA VAL B 255 9.06 25.91 -2.76
CA VAL B 255 9.12 25.85 -2.71
C VAL B 255 8.17 24.79 -2.25
C VAL B 255 8.15 24.79 -2.22
N VAL B 256 7.12 24.51 -3.00
CA VAL B 256 6.18 23.41 -2.72
C VAL B 256 6.16 22.49 -3.95
N THR B 257 6.40 21.22 -3.74
CA THR B 257 6.45 20.29 -4.86
C THR B 257 5.28 19.33 -4.76
N VAL B 258 4.55 19.16 -5.86
CA VAL B 258 3.37 18.30 -5.89
C VAL B 258 3.60 17.21 -6.92
N VAL B 259 3.39 15.97 -6.51
CA VAL B 259 3.45 14.81 -7.39
C VAL B 259 2.08 14.14 -7.34
N ILE B 260 1.53 13.83 -8.51
CA ILE B 260 0.24 13.13 -8.62
C ILE B 260 0.44 11.83 -9.41
N GLY B 261 -0.09 10.72 -8.87
CA GLY B 261 -0.34 9.56 -9.70
C GLY B 261 -1.83 9.26 -9.58
N THR B 262 -2.57 9.31 -10.69
CA THR B 262 -4.01 9.12 -10.59
C THR B 262 -4.47 8.22 -11.73
N ASP B 263 -5.61 7.53 -11.52
CA ASP B 263 -5.95 6.40 -12.38
C ASP B 263 -7.28 6.59 -13.13
N TRP B 264 -7.40 5.89 -14.24
CA TRP B 264 -8.70 5.73 -14.91
C TRP B 264 -8.80 4.30 -15.39
N ASN B 265 -9.86 3.55 -15.02
CA ASN B 265 -9.87 2.12 -15.32
C ASN B 265 -8.62 1.42 -14.81
N HIS B 266 -8.13 1.91 -13.67
CA HIS B 266 -6.99 1.39 -12.94
C HIS B 266 -5.65 1.71 -13.61
N TYR B 267 -5.64 2.43 -14.75
CA TYR B 267 -4.40 2.84 -15.40
C TYR B 267 -4.02 4.23 -14.94
N TYR B 268 -2.72 4.44 -14.68
CA TYR B 268 -2.25 5.68 -14.09
C TYR B 268 -1.62 6.63 -15.11
N ALA B 269 -1.65 7.90 -14.75
CA ALA B 269 -0.76 8.92 -15.30
C ALA B 269 -0.03 9.56 -14.14
N ASN B 270 1.20 10.03 -14.41
CA ASN B 270 2.11 10.56 -13.38
C ASN B 270 2.52 11.97 -13.79
N MET B 271 2.42 12.93 -12.87
CA MET B 271 2.95 14.26 -13.19
C MET B 271 3.37 14.99 -11.92
N ALA B 272 4.29 15.94 -12.08
CA ALA B 272 4.83 16.62 -10.93
C ALA B 272 5.20 18.03 -11.34
N ARG B 273 4.95 18.97 -10.44
CA ARG B 273 5.21 20.38 -10.70
C ARG B 273 5.84 20.97 -9.45
N THR B 274 6.68 21.96 -9.64
CA THR B 274 7.33 22.66 -8.55
C THR B 274 6.78 24.06 -8.46
N PHE B 275 6.15 24.39 -7.34
CA PHE B 275 5.54 25.71 -7.17
C PHE B 275 6.44 26.57 -6.30
N VAL B 276 6.61 27.82 -6.70
CA VAL B 276 7.40 28.78 -5.93
C VAL B 276 6.43 29.76 -5.26
N VAL B 277 6.55 29.87 -3.95
CA VAL B 277 5.71 30.75 -3.15
C VAL B 277 6.51 31.99 -2.84
N GLY B 278 6.01 33.15 -3.27
CA GLY B 278 6.81 34.37 -3.16
C GLY B 278 7.96 34.38 -4.15
N GLU B 279 9.10 34.84 -3.68
CA GLU B 279 10.30 35.10 -4.46
C GLU B 279 11.25 33.94 -4.40
N PRO B 280 11.64 33.34 -5.54
CA PRO B 280 12.61 32.24 -5.49
C PRO B 280 14.03 32.78 -5.38
N ASN B 281 14.82 32.19 -4.47
CA ASN B 281 16.19 32.68 -4.31
C ASN B 281 17.07 32.16 -5.46
N GLU B 282 18.33 32.58 -5.49
N GLU B 282 18.33 32.60 -5.49
CA GLU B 282 19.16 32.30 -6.65
CA GLU B 282 19.19 32.30 -6.63
C GLU B 282 19.39 30.80 -6.84
C GLU B 282 19.35 30.80 -6.83
N ARG B 283 19.57 30.05 -5.74
CA ARG B 283 19.80 28.62 -5.88
C ARG B 283 18.58 27.90 -6.46
N VAL B 284 17.37 28.32 -6.08
CA VAL B 284 16.16 27.73 -6.64
C VAL B 284 16.07 28.03 -8.12
N LYS B 285 16.23 29.29 -8.51
CA LYS B 285 16.10 29.62 -9.93
C LYS B 285 17.09 28.84 -10.77
N LYS B 286 18.33 28.70 -10.27
CA LYS B 286 19.39 27.97 -10.99
C LYS B 286 19.04 26.49 -11.14
N ALA B 287 18.54 25.88 -10.06
CA ALA B 287 18.12 24.49 -10.11
C ALA B 287 16.98 24.30 -11.11
N ILE B 288 16.06 25.26 -11.17
CA ILE B 288 14.98 25.14 -12.15
C ILE B 288 15.54 25.22 -13.57
N GLU B 289 16.45 26.16 -13.83
CA GLU B 289 17.01 26.25 -15.19
C GLU B 289 17.78 24.98 -15.55
N VAL B 290 18.50 24.41 -14.59
CA VAL B 290 19.24 23.16 -14.85
C VAL B 290 18.28 22.02 -15.14
N LYS B 291 17.16 21.93 -14.39
CA LYS B 291 16.15 20.92 -14.67
C LYS B 291 15.53 21.09 -16.07
N GLU B 292 15.30 22.33 -16.51
CA GLU B 292 14.75 22.55 -17.86
C GLU B 292 15.68 21.95 -18.90
N LYS B 293 16.98 22.22 -18.76
CA LYS B 293 17.97 21.70 -19.70
C LYS B 293 18.07 20.18 -19.62
N ALA B 294 17.87 19.60 -18.42
CA ALA B 294 17.91 18.14 -18.30
C ALA B 294 16.71 17.50 -18.97
N LEU B 295 15.53 18.12 -18.81
CA LEU B 295 14.36 17.63 -19.53
C LEU B 295 14.59 17.62 -21.02
N GLU B 296 15.23 18.67 -21.55
CA GLU B 296 15.48 18.73 -22.98
C GLU B 296 16.33 17.55 -23.45
N ILE B 297 17.37 17.19 -22.68
CA ILE B 297 18.18 16.02 -23.02
C ILE B 297 17.36 14.75 -22.94
N ALA B 298 16.63 14.59 -21.83
CA ALA B 298 15.90 13.34 -21.66
C ALA B 298 14.93 13.11 -22.80
N LEU B 299 14.23 14.16 -23.23
CA LEU B 299 13.27 14.01 -24.32
C LEU B 299 13.97 13.78 -25.66
N GLU B 300 15.10 14.44 -25.90
CA GLU B 300 15.79 14.25 -27.18
C GLU B 300 16.40 12.86 -27.27
N GLU B 301 16.92 12.32 -26.15
CA GLU B 301 17.70 11.09 -26.20
C GLU B 301 16.88 9.83 -25.92
N THR B 302 15.70 9.96 -25.32
CA THR B 302 14.86 8.77 -25.07
C THR B 302 14.09 8.48 -26.35
N LYS B 303 14.58 7.55 -27.15
CA LYS B 303 13.91 7.24 -28.41
C LYS B 303 14.00 5.75 -28.69
N VAL B 304 13.15 5.30 -29.62
CA VAL B 304 13.05 3.88 -29.94
C VAL B 304 14.43 3.31 -30.25
N GLY B 305 14.75 2.20 -29.58
CA GLY B 305 15.98 1.48 -29.81
C GLY B 305 17.08 1.81 -28.82
N VAL B 306 16.91 2.87 -28.04
CA VAL B 306 17.92 3.28 -27.05
C VAL B 306 17.72 2.56 -25.72
N PRO B 307 18.79 2.04 -25.10
CA PRO B 307 18.65 1.55 -23.73
C PRO B 307 18.53 2.71 -22.75
N LEU B 308 17.67 2.52 -21.73
CA LEU B 308 17.44 3.59 -20.76
C LEU B 308 18.72 4.01 -20.05
N ASN B 309 19.62 3.05 -19.73
CA ASN B 309 20.82 3.41 -19.00
C ASN B 309 21.71 4.36 -19.79
N SER B 310 21.66 4.29 -21.11
CA SER B 310 22.43 5.23 -21.94
C SER B 310 22.01 6.67 -21.66
N VAL B 311 20.71 6.91 -21.56
CA VAL B 311 20.19 8.25 -21.29
C VAL B 311 20.49 8.64 -19.86
N GLU B 312 20.36 7.70 -18.91
CA GLU B 312 20.72 7.99 -17.53
C GLU B 312 22.15 8.48 -17.43
N ARG B 313 23.08 7.82 -18.12
CA ARG B 313 24.47 8.24 -18.06
C ARG B 313 24.64 9.65 -18.59
N LYS B 314 23.94 9.99 -19.68
CA LYS B 314 24.03 11.33 -20.23
C LYS B 314 23.51 12.37 -19.24
N LEU B 315 22.43 12.03 -18.54
CA LEU B 315 21.88 12.98 -17.57
C LEU B 315 22.82 13.14 -16.39
N PHE B 316 23.43 12.04 -15.92
CA PHE B 316 24.39 12.14 -14.83
C PHE B 316 25.56 13.05 -15.22
N GLN B 317 26.13 12.82 -16.40
CA GLN B 317 27.23 13.64 -16.88
C GLN B 317 26.81 15.10 -16.99
N PHE B 318 25.58 15.35 -17.45
CA PHE B 318 25.08 16.71 -17.56
C PHE B 318 25.00 17.39 -16.20
N PHE B 319 24.45 16.69 -15.20
CA PHE B 319 24.33 17.27 -13.86
C PHE B 319 25.69 17.52 -13.25
N LYS B 320 26.65 16.65 -13.52
CA LYS B 320 27.98 16.78 -12.95
C LYS B 320 28.69 17.99 -13.55
N GLU B 321 28.56 18.19 -14.87
CA GLU B 321 29.16 19.36 -15.50
C GLU B 321 28.52 20.67 -15.08
N ASN B 322 27.33 20.65 -14.49
CA ASN B 322 26.67 21.91 -14.15
C ASN B 322 26.66 22.17 -12.66
N GLY B 323 27.52 21.48 -11.91
CA GLY B 323 27.72 21.72 -10.49
C GLY B 323 26.67 21.18 -9.57
N PHE B 324 25.89 20.19 -10.03
CA PHE B 324 24.80 19.61 -9.26
C PHE B 324 24.99 18.12 -8.99
N GLU B 325 26.24 17.61 -9.04
CA GLU B 325 26.41 16.18 -8.75
C GLU B 325 25.85 15.82 -7.38
N ASP B 326 26.04 16.68 -6.39
CA ASP B 326 25.54 16.39 -5.06
C ASP B 326 24.02 16.51 -4.93
N SER B 327 23.32 16.97 -5.97
CA SER B 327 21.86 17.04 -5.92
C SER B 327 21.19 15.95 -6.73
N TYR B 328 21.98 15.15 -7.45
CA TYR B 328 21.51 14.18 -8.43
C TYR B 328 21.07 12.86 -7.79
N LEU B 329 19.94 12.33 -8.26
CA LEU B 329 19.44 11.01 -7.92
C LEU B 329 19.26 10.18 -9.20
N ALA B 330 19.61 8.90 -9.14
CA ALA B 330 19.49 8.04 -10.31
C ALA B 330 18.04 7.60 -10.50
N GLY B 331 17.68 7.39 -11.77
CA GLY B 331 16.36 6.87 -12.13
C GLY B 331 15.48 7.86 -12.85
N TYR B 332 15.93 8.37 -14.01
CA TYR B 332 15.26 9.51 -14.60
C TYR B 332 13.88 9.19 -15.13
N THR B 333 13.58 7.91 -15.38
CA THR B 333 12.28 7.59 -15.95
C THR B 333 11.80 6.25 -15.43
N HIS B 334 10.50 5.97 -15.65
CA HIS B 334 9.96 4.65 -15.36
C HIS B 334 8.73 4.43 -16.23
N GLY B 335 8.41 3.17 -16.49
CA GLY B 335 7.15 2.87 -17.12
C GLY B 335 6.00 3.28 -16.23
N VAL B 336 4.84 3.49 -16.85
CA VAL B 336 3.59 3.79 -16.17
C VAL B 336 2.49 2.89 -16.75
N GLY B 337 1.60 2.42 -15.90
CA GLY B 337 0.49 1.60 -16.37
C GLY B 337 -0.44 1.25 -15.22
N LEU B 338 -0.63 -0.05 -14.97
CA LEU B 338 -1.44 -0.45 -13.82
C LEU B 338 -0.73 -0.16 -12.48
N LEU B 339 0.56 0.21 -12.54
CA LEU B 339 1.30 0.82 -11.44
C LEU B 339 1.74 2.21 -11.83
N ILE B 340 1.82 3.12 -10.84
CA ILE B 340 2.38 4.44 -11.13
C ILE B 340 3.81 4.31 -11.67
N GLU B 341 4.59 3.43 -11.03
CA GLU B 341 5.97 3.14 -11.41
C GLU B 341 6.07 1.66 -11.73
N GLU B 342 6.42 1.34 -12.98
CA GLU B 342 6.65 -0.06 -13.31
C GLU B 342 7.77 -0.13 -14.32
N PRO B 343 8.36 -1.30 -14.52
CA PRO B 343 9.39 -1.46 -15.55
C PRO B 343 8.88 -0.92 -16.87
N PRO B 344 9.77 -0.41 -17.74
CA PRO B 344 11.23 -0.39 -17.66
C PRO B 344 11.72 0.76 -16.82
N MET B 345 12.89 0.60 -16.21
CA MET B 345 13.53 1.65 -15.45
C MET B 345 15.03 1.49 -15.64
N PRO B 346 15.79 2.58 -15.53
CA PRO B 346 17.25 2.41 -15.48
C PRO B 346 17.61 1.69 -14.19
N THR B 347 18.50 0.69 -14.31
CA THR B 347 18.90 -0.12 -13.16
C THR B 347 20.34 -0.56 -13.34
N ILE B 348 20.88 -1.22 -12.30
CA ILE B 348 22.17 -1.92 -12.41
C ILE B 348 21.89 -3.40 -12.64
N VAL B 349 22.62 -4.00 -13.59
CA VAL B 349 22.61 -5.45 -13.79
C VAL B 349 23.94 -5.84 -14.42
N ALA B 354 19.41 -6.15 -21.98
CA ALA B 354 19.01 -4.78 -21.67
C ALA B 354 17.71 -4.47 -22.37
N THR B 355 16.90 -3.60 -21.77
CA THR B 355 15.62 -3.23 -22.34
C THR B 355 15.75 -1.93 -23.12
N LYS B 356 15.34 -1.97 -24.37
CA LYS B 356 15.41 -0.83 -25.26
C LYS B 356 14.05 -0.16 -25.32
N VAL B 357 14.06 1.18 -25.41
CA VAL B 357 12.81 1.91 -25.62
C VAL B 357 12.12 1.42 -26.89
N ALA B 358 10.81 1.22 -26.80
CA ALA B 358 10.03 0.66 -27.89
C ALA B 358 8.73 1.45 -28.03
N GLU B 359 8.21 1.46 -29.24
CA GLU B 359 6.95 2.14 -29.50
C GLU B 359 5.84 1.58 -28.60
N ASN B 360 4.95 2.46 -28.13
CA ASN B 360 3.78 2.21 -27.27
C ASN B 360 4.17 1.86 -25.83
N MET B 361 5.43 2.01 -25.45
CA MET B 361 5.72 2.19 -24.03
C MET B 361 5.15 3.53 -23.57
N VAL B 362 4.87 3.61 -22.27
CA VAL B 362 4.48 4.87 -21.64
C VAL B 362 5.46 5.14 -20.50
N LEU B 363 6.12 6.31 -20.55
CA LEU B 363 7.25 6.67 -19.69
C LEU B 363 6.97 7.98 -18.97
N SER B 364 7.39 8.07 -17.70
CA SER B 364 7.27 9.28 -16.90
C SER B 364 8.63 9.95 -16.83
N ILE B 365 8.69 11.23 -17.21
CA ILE B 365 9.96 11.95 -17.42
C ILE B 365 9.79 13.40 -16.96
N ILE B 366 10.70 13.93 -16.13
CA ILE B 366 11.76 13.23 -15.42
C ILE B 366 11.24 12.86 -14.05
N HIS B 367 11.46 11.59 -13.61
CA HIS B 367 10.93 11.13 -12.33
C HIS B 367 11.76 11.61 -11.13
N THR B 368 13.08 11.73 -11.27
CA THR B 368 13.92 12.06 -10.12
C THR B 368 13.90 13.56 -9.82
N PRO B 369 13.87 13.95 -8.55
CA PRO B 369 14.01 15.37 -8.24
C PRO B 369 15.48 15.75 -8.18
N LEU B 370 15.71 17.02 -8.44
CA LEU B 370 16.99 17.63 -8.11
C LEU B 370 16.87 18.11 -6.67
N MET B 371 17.66 17.54 -5.75
CA MET B 371 17.51 17.86 -4.33
C MET B 371 18.38 19.06 -3.92
N ILE B 372 17.74 20.13 -3.48
CA ILE B 372 18.47 21.26 -2.88
C ILE B 372 17.86 21.48 -1.49
N PRO B 373 18.54 22.22 -0.61
CA PRO B 373 17.97 22.41 0.74
C PRO B 373 16.55 23.00 0.74
N GLU B 374 16.21 23.84 -0.26
CA GLU B 374 14.87 24.43 -0.36
C GLU B 374 13.78 23.45 -0.81
N GLY B 375 14.12 22.35 -1.47
CA GLY B 375 13.08 21.40 -1.83
C GLY B 375 13.50 20.44 -2.92
N ALA B 376 12.55 19.58 -3.28
CA ALA B 376 12.72 18.57 -4.34
C ALA B 376 12.28 19.20 -5.65
N ILE B 377 13.24 19.60 -6.48
CA ILE B 377 12.90 20.32 -7.71
C ILE B 377 12.51 19.29 -8.75
N LYS B 378 11.23 19.27 -9.12
CA LYS B 378 10.69 18.20 -9.96
C LYS B 378 9.84 18.76 -11.07
N HIS B 379 10.00 18.21 -12.28
CA HIS B 379 9.10 18.51 -13.39
C HIS B 379 8.90 17.20 -14.15
N GLU B 380 7.71 16.64 -14.04
CA GLU B 380 7.50 15.25 -14.44
C GLU B 380 6.19 15.19 -15.22
N ASP B 381 6.22 14.46 -16.34
CA ASP B 381 5.01 14.26 -17.15
C ASP B 381 4.99 12.83 -17.68
N THR B 382 3.83 12.38 -18.12
CA THR B 382 3.70 11.06 -18.72
C THR B 382 3.69 11.19 -20.24
N TYR B 383 4.52 10.38 -20.92
CA TYR B 383 4.70 10.46 -22.37
C TYR B 383 4.39 9.12 -23.04
N LEU B 384 3.77 9.16 -24.20
CA LEU B 384 3.63 7.97 -25.02
C LEU B 384 4.80 7.89 -26.01
N VAL B 385 5.47 6.74 -26.09
CA VAL B 385 6.57 6.58 -27.04
C VAL B 385 6.01 6.34 -28.43
N LYS B 386 6.26 7.29 -29.36
CA LYS B 386 5.89 7.17 -30.76
C LYS B 386 7.10 6.73 -31.57
N LYS B 387 6.88 6.51 -32.87
CA LYS B 387 7.96 6.02 -33.70
C LYS B 387 9.13 7.02 -33.77
N ASP B 388 8.84 8.32 -33.83
CA ASP B 388 9.92 9.32 -33.94
C ASP B 388 9.99 10.34 -32.81
N GLU B 389 9.09 10.30 -31.84
CA GLU B 389 9.09 11.31 -30.79
C GLU B 389 8.29 10.79 -29.61
N LEU B 390 8.27 11.57 -28.54
CA LEU B 390 7.50 11.30 -27.34
C LEU B 390 6.32 12.25 -27.32
N GLU B 391 5.10 11.72 -27.14
CA GLU B 391 3.90 12.54 -27.08
C GLU B 391 3.53 12.77 -25.62
N LYS B 392 3.52 14.03 -25.19
CA LYS B 392 3.21 14.32 -23.81
C LYS B 392 1.72 14.15 -23.58
N LEU B 393 1.36 13.32 -22.61
CA LEU B 393 -0.06 13.07 -22.34
C LEU B 393 -0.61 13.94 -21.21
N THR B 394 0.23 14.21 -20.19
CA THR B 394 -0.14 15.12 -19.11
C THR B 394 0.09 16.60 -19.49
MN MN C . -11.07 -4.45 10.91
NA NA D . 17.56 14.39 15.96
C1 PEG E . 12.19 -5.66 -2.76
O1 PEG E . 13.45 -5.29 -3.28
C2 PEG E . 12.13 -5.16 -1.35
O2 PEG E . 12.25 -3.78 -1.36
C3 PEG E . 11.28 -3.13 -2.15
C4 PEG E . 11.75 -1.73 -2.48
O4 PEG E . 11.82 -0.95 -1.30
MN MN F . 7.37 9.09 -11.12
NA NA G . -18.65 -12.95 -16.04
C1 PEG H . -3.09 -13.86 2.73
O1 PEG H . -2.65 -15.03 2.06
C2 PEG H . -1.91 -13.08 3.23
O2 PEG H . -0.74 -13.85 3.18
C3 PEG H . 0.43 -13.10 3.39
C4 PEG H . 0.46 -11.98 2.39
O4 PEG H . 1.67 -12.11 1.72
#